data_1AGU
# 
_entry.id   1AGU 
# 
_audit_conform.dict_name       mmcif_pdbx.dic 
_audit_conform.dict_version    5.392 
_audit_conform.dict_location   http://mmcif.pdb.org/dictionaries/ascii/mmcif_pdbx.dic 
# 
loop_
_database_2.database_id 
_database_2.database_code 
_database_2.pdbx_database_accession 
_database_2.pdbx_DOI 
PDB   1AGU         pdb_00001agu 10.2210/pdb1agu/pdb 
WWPDB D_1000170799 ?            ?                   
# 
loop_
_pdbx_audit_revision_history.ordinal 
_pdbx_audit_revision_history.data_content_type 
_pdbx_audit_revision_history.major_revision 
_pdbx_audit_revision_history.minor_revision 
_pdbx_audit_revision_history.revision_date 
1 'Structure model' 1 0 1997-08-20 
2 'Structure model' 1 1 2008-03-24 
3 'Structure model' 1 2 2011-07-13 
4 'Structure model' 2 0 2022-02-16 
5 'Structure model' 2 1 2024-05-22 
# 
_pdbx_audit_revision_details.ordinal             1 
_pdbx_audit_revision_details.revision_ordinal    1 
_pdbx_audit_revision_details.data_content_type   'Structure model' 
_pdbx_audit_revision_details.provider            repository 
_pdbx_audit_revision_details.type                'Initial release' 
_pdbx_audit_revision_details.description         ? 
_pdbx_audit_revision_details.details             ? 
# 
loop_
_pdbx_audit_revision_group.ordinal 
_pdbx_audit_revision_group.revision_ordinal 
_pdbx_audit_revision_group.data_content_type 
_pdbx_audit_revision_group.group 
1 2 'Structure model' 'Version format compliance' 
2 3 'Structure model' 'Version format compliance' 
3 4 'Structure model' 'Data collection'           
4 4 'Structure model' 'Database references'       
5 4 'Structure model' 'Derived calculations'      
6 4 'Structure model' Other                       
7 4 'Structure model' 'Polymer sequence'          
8 5 'Structure model' 'Data collection'           
# 
loop_
_pdbx_audit_revision_category.ordinal 
_pdbx_audit_revision_category.revision_ordinal 
_pdbx_audit_revision_category.data_content_type 
_pdbx_audit_revision_category.category 
1 4 'Structure model' database_2            
2 4 'Structure model' entity_poly           
3 4 'Structure model' pdbx_database_status  
4 4 'Structure model' pdbx_nmr_software     
5 4 'Structure model' pdbx_struct_assembly  
6 4 'Structure model' pdbx_struct_oper_list 
7 4 'Structure model' struct_conn           
8 5 'Structure model' chem_comp_atom        
9 5 'Structure model' chem_comp_bond        
# 
loop_
_pdbx_audit_revision_item.ordinal 
_pdbx_audit_revision_item.revision_ordinal 
_pdbx_audit_revision_item.data_content_type 
_pdbx_audit_revision_item.item 
1  4 'Structure model' '_database_2.pdbx_DOI'                      
2  4 'Structure model' '_database_2.pdbx_database_accession'       
3  4 'Structure model' '_entity_poly.pdbx_seq_one_letter_code'     
4  4 'Structure model' '_entity_poly.pdbx_seq_one_letter_code_can' 
5  4 'Structure model' '_pdbx_database_status.process_site'        
6  4 'Structure model' '_pdbx_nmr_software.name'                   
7  4 'Structure model' '_struct_conn.pdbx_leaving_atom_flag'       
8  4 'Structure model' '_struct_conn.ptnr1_auth_comp_id'           
9  4 'Structure model' '_struct_conn.ptnr1_auth_seq_id'            
10 4 'Structure model' '_struct_conn.ptnr1_label_atom_id'          
11 4 'Structure model' '_struct_conn.ptnr1_label_comp_id'          
12 4 'Structure model' '_struct_conn.ptnr1_label_seq_id'           
13 4 'Structure model' '_struct_conn.ptnr2_auth_comp_id'           
14 4 'Structure model' '_struct_conn.ptnr2_auth_seq_id'            
15 4 'Structure model' '_struct_conn.ptnr2_label_atom_id'          
16 4 'Structure model' '_struct_conn.ptnr2_label_comp_id'          
17 4 'Structure model' '_struct_conn.ptnr2_label_seq_id'           
# 
_pdbx_database_status.status_code                     REL 
_pdbx_database_status.entry_id                        1AGU 
_pdbx_database_status.recvd_initial_deposition_date   1997-03-25 
_pdbx_database_status.deposit_site                    ? 
_pdbx_database_status.process_site                    BNL 
_pdbx_database_status.SG_entry                        . 
_pdbx_database_status.pdb_format_compatible           Y 
_pdbx_database_status.status_code_mr                  ? 
_pdbx_database_status.status_code_sf                  ? 
_pdbx_database_status.status_code_cs                  ? 
_pdbx_database_status.status_code_nmr_data            ? 
_pdbx_database_status.methods_development_category    ? 
# 
loop_
_audit_author.name 
_audit_author.pdbx_ordinal 
'Zegar, I.S.' 1 
'Stone, M.P.' 2 
# 
loop_
_citation.id 
_citation.title 
_citation.journal_abbrev 
_citation.journal_volume 
_citation.page_first 
_citation.page_last 
_citation.year 
_citation.journal_id_ASTM 
_citation.country 
_citation.journal_id_ISSN 
_citation.journal_id_CSD 
_citation.book_publisher 
_citation.pdbx_database_id_PubMed 
_citation.pdbx_database_id_DOI 
primary 
;Adduction of the human N-ras codon 61 sequence with (-)-(7S,8R,9R,10S)-7,8-dihydroxy-9,10-epoxy-7,8,9,10-tetrahydrobenzo[a] pyrene: structural refinement of the intercalated SRSR(61,2) (-)-(7S,8R,9S,1 0R)-N6-[10-(7,8,9,10- tetrahydrobenzo[a]pyrenyl)]-2'-deoxyadenosyl adduct from 1H NMR
;
Biochemistry      35 6212 6224 1996 BICHAW US 0006-2960 0033 ? 8639561 10.1021/bi9524732 
1       
;Solution Structure of an Oligodeoxynucleotide Containing the Human N-Ras Codon 61 Sequence Refined from 1H NMR Using Molecular Dynamics Restrained by Nuclear Overhauser Effects
;
Chem.Res.Toxicol. 8  821  ?    1995 CRTOEC US 0893-228X 2140 ? ?       ?                 
# 
loop_
_citation_author.citation_id 
_citation_author.name 
_citation_author.ordinal 
_citation_author.identifier_ORCID 
primary 'Zegar, I.S.'    1 ? 
primary 'Kim, S.J.'      2 ? 
primary 'Johansen, T.N.' 3 ? 
primary 'Horton, P.J.'   4 ? 
primary 'Harris, C.M.'   5 ? 
primary 'Harris, T.M.'   6 ? 
primary 'Stone, M.P.'    7 ? 
1       'Feng, B.'       8 ? 
1       'Stone, M.P.'    9 ? 
# 
loop_
_entity.id 
_entity.type 
_entity.src_method 
_entity.pdbx_description 
_entity.formula_weight 
_entity.pdbx_number_of_molecules 
_entity.pdbx_ec 
_entity.pdbx_mutation 
_entity.pdbx_fragment 
_entity.details 
1 polymer syn 
;DNA (5'-D(*CP*GP*GP*AP*CP*EP*AP*GP*AP*AP*G)-3')
;
3718.586 1 ? ? ? 'C10R-BPDE-N6-ADENINE ADDUCT' 
2 polymer syn 
;DNA (5'-D(*CP*TP*TP*CP*TP*TP*GP*TP*CP*CP*G)-3')
;
3291.145 1 ? ? ? 'C10R-BPDE-N6-ADENINE ADDUCT' 
# 
loop_
_entity_poly.entity_id 
_entity_poly.type 
_entity_poly.nstd_linkage 
_entity_poly.nstd_monomer 
_entity_poly.pdbx_seq_one_letter_code 
_entity_poly.pdbx_seq_one_letter_code_can 
_entity_poly.pdbx_strand_id 
_entity_poly.pdbx_target_identifier 
1 polydeoxyribonucleotide no yes '(DC)(DG)(DG)(DA)(DC)(E)(DA)(DG)(DA)(DA)(DG)'  CGGACAAGAAG A ? 
2 polydeoxyribonucleotide no no  '(DC)(DT)(DT)(DC)(DT)(DT)(DG)(DT)(DC)(DC)(DG)' CTTCTTGTCCG B ? 
# 
loop_
_entity_poly_seq.entity_id 
_entity_poly_seq.num 
_entity_poly_seq.mon_id 
_entity_poly_seq.hetero 
1 1  DC n 
1 2  DG n 
1 3  DG n 
1 4  DA n 
1 5  DC n 
1 6  E  n 
1 7  DA n 
1 8  DG n 
1 9  DA n 
1 10 DA n 
1 11 DG n 
2 1  DC n 
2 2  DT n 
2 3  DT n 
2 4  DC n 
2 5  DT n 
2 6  DT n 
2 7  DG n 
2 8  DT n 
2 9  DC n 
2 10 DC n 
2 11 DG n 
# 
loop_
_chem_comp.id 
_chem_comp.type 
_chem_comp.mon_nstd_flag 
_chem_comp.name 
_chem_comp.pdbx_synonyms 
_chem_comp.formula 
_chem_comp.formula_weight 
DA 'DNA linking' y "2'-DEOXYADENOSINE-5'-MONOPHOSPHATE" ? 'C10 H14 N5 O6 P' 331.222 
DC 'DNA linking' y "2'-DEOXYCYTIDINE-5'-MONOPHOSPHATE" ? 'C9 H14 N3 O7 P'  307.197 
DG 'DNA linking' y "2'-DEOXYGUANOSINE-5'-MONOPHOSPHATE" ? 'C10 H14 N5 O7 P' 347.221 
DT 'DNA linking' y "THYMIDINE-5'-MONOPHOSPHATE" ? 'C10 H15 N2 O8 P' 322.208 
E  'DNA linking' n 
;N-((-)-(7S,8R,9S,10R)[7,8,9-TRIHYDROXY-7,8,9,10-TETRA HYDROBENZO[A]PYREN-10-YL])-2'-DEOXY-ADENOSINE-5'-MONOPHOSPHATE
;
? 'C30 H28 N5 O9 P' 633.545 
# 
loop_
_pdbx_poly_seq_scheme.asym_id 
_pdbx_poly_seq_scheme.entity_id 
_pdbx_poly_seq_scheme.seq_id 
_pdbx_poly_seq_scheme.mon_id 
_pdbx_poly_seq_scheme.ndb_seq_num 
_pdbx_poly_seq_scheme.pdb_seq_num 
_pdbx_poly_seq_scheme.auth_seq_num 
_pdbx_poly_seq_scheme.pdb_mon_id 
_pdbx_poly_seq_scheme.auth_mon_id 
_pdbx_poly_seq_scheme.pdb_strand_id 
_pdbx_poly_seq_scheme.pdb_ins_code 
_pdbx_poly_seq_scheme.hetero 
A 1 1  DC 1  1  1  DC C A . n 
A 1 2  DG 2  2  2  DG G A . n 
A 1 3  DG 3  3  3  DG G A . n 
A 1 4  DA 4  4  4  DA A A . n 
A 1 5  DC 5  5  5  DC C A . n 
A 1 6  E  6  6  6  E  E A . n 
A 1 7  DA 7  7  7  DA A A . n 
A 1 8  DG 8  8  8  DG G A . n 
A 1 9  DA 9  9  9  DA A A . n 
A 1 10 DA 10 10 10 DA A A . n 
A 1 11 DG 11 11 11 DG G A . n 
B 2 1  DC 1  12 12 DC C B . n 
B 2 2  DT 2  13 13 DT T B . n 
B 2 3  DT 3  14 14 DT T B . n 
B 2 4  DC 4  15 15 DC C B . n 
B 2 5  DT 5  16 16 DT T B . n 
B 2 6  DT 6  17 17 DT T B . n 
B 2 7  DG 7  18 18 DG G B . n 
B 2 8  DT 8  19 19 DT T B . n 
B 2 9  DC 9  20 20 DC C B . n 
B 2 10 DC 10 21 21 DC C B . n 
B 2 11 DG 11 22 22 DG G B . n 
# 
loop_
_software.name 
_software.classification 
_software.version 
_software.citation_id 
_software.pdbx_ordinal 
X-PLOR 'model building' 3.1 ? 1 
X-PLOR refinement       3.1 ? 2 
X-PLOR phasing          3.1 ? 3 
# 
_cell.entry_id           1AGU 
_cell.length_a           1.000 
_cell.length_b           1.000 
_cell.length_c           1.000 
_cell.angle_alpha        90.00 
_cell.angle_beta         90.00 
_cell.angle_gamma        90.00 
_cell.Z_PDB              1 
_cell.pdbx_unique_axis   ? 
# 
_symmetry.entry_id                         1AGU 
_symmetry.space_group_name_H-M             'P 1' 
_symmetry.pdbx_full_space_group_name_H-M   ? 
_symmetry.cell_setting                     ? 
_symmetry.Int_Tables_number                1 
# 
_exptl.entry_id          1AGU 
_exptl.method            'SOLUTION NMR' 
_exptl.crystals_number   ? 
# 
_struct.entry_id                  1AGU 
_struct.title                     
;THE SOLUTION NMR STRUCTURE OF THE C10R ADDUCT OF BENZO[A]PYRENE-DIOL-EPOXIDE AT THE N6 POSITION OF ADENINE OF AN 11 BASE-PAIR OLIGONUCLEOTIDE SEQUENCE CODING FOR AMINO ACIDS 60-62 OF THE PRODUCT OF THE N-RAS PROTOONCOGENE, MINIMIZED AVERAGE STRUCTURE
;
_struct.pdbx_model_details        ? 
_struct.pdbx_CASP_flag            ? 
_struct.pdbx_model_type_details   ? 
# 
_struct_keywords.entry_id        1AGU 
_struct_keywords.pdbx_keywords   DNA 
_struct_keywords.text            
'DNA DUPLEX, HUMAN N-RAS GENE, CODON 61 SEQUENCE, C10R-BPDE ADDUCT, INTERCALATION, N6-ADENINE ADDUCT, DEOXYRIBONUCLEIC ACID, DNA' 
# 
loop_
_struct_asym.id 
_struct_asym.pdbx_blank_PDB_chainid_flag 
_struct_asym.pdbx_modified 
_struct_asym.entity_id 
_struct_asym.details 
A N N 1 ? 
B N N 2 ? 
# 
loop_
_struct_ref.id 
_struct_ref.entity_id 
_struct_ref.db_name 
_struct_ref.db_code 
_struct_ref.pdbx_db_accession 
_struct_ref.pdbx_db_isoform 
_struct_ref.pdbx_seq_one_letter_code 
_struct_ref.pdbx_align_begin 
1 1 PDB 1AGU 1AGU ? ? ? 
2 2 PDB 1AGU 1AGU ? ? ? 
# 
loop_
_struct_ref_seq.align_id 
_struct_ref_seq.ref_id 
_struct_ref_seq.pdbx_PDB_id_code 
_struct_ref_seq.pdbx_strand_id 
_struct_ref_seq.seq_align_beg 
_struct_ref_seq.pdbx_seq_align_beg_ins_code 
_struct_ref_seq.seq_align_end 
_struct_ref_seq.pdbx_seq_align_end_ins_code 
_struct_ref_seq.pdbx_db_accession 
_struct_ref_seq.db_align_beg 
_struct_ref_seq.pdbx_db_align_beg_ins_code 
_struct_ref_seq.db_align_end 
_struct_ref_seq.pdbx_db_align_end_ins_code 
_struct_ref_seq.pdbx_auth_seq_align_beg 
_struct_ref_seq.pdbx_auth_seq_align_end 
1 1 1AGU A 1 ? 11 ? 1AGU 1  ? 11 ? 1  11 
2 2 1AGU B 1 ? 11 ? 1AGU 12 ? 22 ? 12 22 
# 
_pdbx_struct_assembly.id                   1 
_pdbx_struct_assembly.details              author_defined_assembly 
_pdbx_struct_assembly.method_details       ? 
_pdbx_struct_assembly.oligomeric_details   dimeric 
_pdbx_struct_assembly.oligomeric_count     2 
# 
_pdbx_struct_assembly_gen.assembly_id       1 
_pdbx_struct_assembly_gen.oper_expression   1 
_pdbx_struct_assembly_gen.asym_id_list      A,B 
# 
_pdbx_struct_oper_list.id                   1 
_pdbx_struct_oper_list.type                 'identity operation' 
_pdbx_struct_oper_list.name                 1_555 
_pdbx_struct_oper_list.symmetry_operation   x,y,z 
_pdbx_struct_oper_list.matrix[1][1]         1.0000000000 
_pdbx_struct_oper_list.matrix[1][2]         0.0000000000 
_pdbx_struct_oper_list.matrix[1][3]         0.0000000000 
_pdbx_struct_oper_list.vector[1]            0.0000000000 
_pdbx_struct_oper_list.matrix[2][1]         0.0000000000 
_pdbx_struct_oper_list.matrix[2][2]         1.0000000000 
_pdbx_struct_oper_list.matrix[2][3]         0.0000000000 
_pdbx_struct_oper_list.vector[2]            0.0000000000 
_pdbx_struct_oper_list.matrix[3][1]         0.0000000000 
_pdbx_struct_oper_list.matrix[3][2]         0.0000000000 
_pdbx_struct_oper_list.matrix[3][3]         1.0000000000 
_pdbx_struct_oper_list.vector[3]            0.0000000000 
# 
_struct_biol.id   1 
# 
loop_
_struct_conn.id 
_struct_conn.conn_type_id 
_struct_conn.pdbx_leaving_atom_flag 
_struct_conn.pdbx_PDB_id 
_struct_conn.ptnr1_label_asym_id 
_struct_conn.ptnr1_label_comp_id 
_struct_conn.ptnr1_label_seq_id 
_struct_conn.ptnr1_label_atom_id 
_struct_conn.pdbx_ptnr1_label_alt_id 
_struct_conn.pdbx_ptnr1_PDB_ins_code 
_struct_conn.pdbx_ptnr1_standard_comp_id 
_struct_conn.ptnr1_symmetry 
_struct_conn.ptnr2_label_asym_id 
_struct_conn.ptnr2_label_comp_id 
_struct_conn.ptnr2_label_seq_id 
_struct_conn.ptnr2_label_atom_id 
_struct_conn.pdbx_ptnr2_label_alt_id 
_struct_conn.pdbx_ptnr2_PDB_ins_code 
_struct_conn.ptnr1_auth_asym_id 
_struct_conn.ptnr1_auth_comp_id 
_struct_conn.ptnr1_auth_seq_id 
_struct_conn.ptnr2_auth_asym_id 
_struct_conn.ptnr2_auth_comp_id 
_struct_conn.ptnr2_auth_seq_id 
_struct_conn.ptnr2_symmetry 
_struct_conn.pdbx_ptnr3_label_atom_id 
_struct_conn.pdbx_ptnr3_label_seq_id 
_struct_conn.pdbx_ptnr3_label_comp_id 
_struct_conn.pdbx_ptnr3_label_asym_id 
_struct_conn.pdbx_ptnr3_label_alt_id 
_struct_conn.pdbx_ptnr3_PDB_ins_code 
_struct_conn.details 
_struct_conn.pdbx_dist_value 
_struct_conn.pdbx_value_order 
_struct_conn.pdbx_role 
covale1  covale both ? A DC 5  "O3'" ? ? ? 1_555 A E  6  P  ? ? A DC 5  A E  6  1_555 ? ? ? ? ? ? ?            1.607 ? ? 
covale2  covale both ? A E  6  "O3'" ? ? ? 1_555 A DA 7  P  ? ? A E  6  A DA 7  1_555 ? ? ? ? ? ? ?            1.613 ? ? 
hydrog1  hydrog ?    ? A DC 1  N3    ? ? ? 1_555 B DG 11 N1 ? ? A DC 1  B DG 22 1_555 ? ? ? ? ? ? WATSON-CRICK ?     ? ? 
hydrog2  hydrog ?    ? A DC 1  N4    ? ? ? 1_555 B DG 11 O6 ? ? A DC 1  B DG 22 1_555 ? ? ? ? ? ? WATSON-CRICK ?     ? ? 
hydrog3  hydrog ?    ? A DC 1  O2    ? ? ? 1_555 B DG 11 N2 ? ? A DC 1  B DG 22 1_555 ? ? ? ? ? ? WATSON-CRICK ?     ? ? 
hydrog4  hydrog ?    ? A DG 2  N1    ? ? ? 1_555 B DC 10 N3 ? ? A DG 2  B DC 21 1_555 ? ? ? ? ? ? WATSON-CRICK ?     ? ? 
hydrog5  hydrog ?    ? A DG 2  N2    ? ? ? 1_555 B DC 10 O2 ? ? A DG 2  B DC 21 1_555 ? ? ? ? ? ? WATSON-CRICK ?     ? ? 
hydrog6  hydrog ?    ? A DG 2  O6    ? ? ? 1_555 B DC 10 N4 ? ? A DG 2  B DC 21 1_555 ? ? ? ? ? ? WATSON-CRICK ?     ? ? 
hydrog7  hydrog ?    ? A DG 3  N1    ? ? ? 1_555 B DC 9  N3 ? ? A DG 3  B DC 20 1_555 ? ? ? ? ? ? WATSON-CRICK ?     ? ? 
hydrog8  hydrog ?    ? A DG 3  N2    ? ? ? 1_555 B DC 9  O2 ? ? A DG 3  B DC 20 1_555 ? ? ? ? ? ? WATSON-CRICK ?     ? ? 
hydrog9  hydrog ?    ? A DG 3  O6    ? ? ? 1_555 B DC 9  N4 ? ? A DG 3  B DC 20 1_555 ? ? ? ? ? ? WATSON-CRICK ?     ? ? 
hydrog10 hydrog ?    ? A DA 4  N1    ? ? ? 1_555 B DT 8  N3 ? ? A DA 4  B DT 19 1_555 ? ? ? ? ? ? WATSON-CRICK ?     ? ? 
hydrog11 hydrog ?    ? A DA 4  N6    ? ? ? 1_555 B DT 8  O4 ? ? A DA 4  B DT 19 1_555 ? ? ? ? ? ? WATSON-CRICK ?     ? ? 
hydrog12 hydrog ?    ? A DC 5  N3    ? ? ? 1_555 B DG 7  N1 ? ? A DC 5  B DG 18 1_555 ? ? ? ? ? ? WATSON-CRICK ?     ? ? 
hydrog13 hydrog ?    ? A DC 5  N4    ? ? ? 1_555 B DG 7  O6 ? ? A DC 5  B DG 18 1_555 ? ? ? ? ? ? WATSON-CRICK ?     ? ? 
hydrog14 hydrog ?    ? A DC 5  O2    ? ? ? 1_555 B DG 7  N2 ? ? A DC 5  B DG 18 1_555 ? ? ? ? ? ? WATSON-CRICK ?     ? ? 
hydrog15 hydrog ?    ? A E  6  N1    ? ? ? 1_555 B DT 6  N3 ? ? A E  6  B DT 17 1_555 ? ? ? ? ? ? WATSON-CRICK ?     ? ? 
hydrog16 hydrog ?    ? A E  6  N6    ? ? ? 1_555 B DT 6  O4 ? ? A E  6  B DT 17 1_555 ? ? ? ? ? ? WATSON-CRICK ?     ? ? 
hydrog17 hydrog ?    ? A DA 7  N1    ? ? ? 1_555 B DT 5  N3 ? ? A DA 7  B DT 16 1_555 ? ? ? ? ? ? WATSON-CRICK ?     ? ? 
hydrog18 hydrog ?    ? A DA 7  N6    ? ? ? 1_555 B DT 5  O4 ? ? A DA 7  B DT 16 1_555 ? ? ? ? ? ? WATSON-CRICK ?     ? ? 
hydrog19 hydrog ?    ? A DA 7  N1    ? ? ? 1_555 B DT 6  N3 ? ? A DA 7  B DT 17 1_555 ? ? ? ? ? ? 'DA-DT PAIR' ?     ? ? 
hydrog20 hydrog ?    ? A DG 8  N1    ? ? ? 1_555 B DC 4  N3 ? ? A DG 8  B DC 15 1_555 ? ? ? ? ? ? WATSON-CRICK ?     ? ? 
hydrog21 hydrog ?    ? A DG 8  N2    ? ? ? 1_555 B DC 4  O2 ? ? A DG 8  B DC 15 1_555 ? ? ? ? ? ? WATSON-CRICK ?     ? ? 
hydrog22 hydrog ?    ? A DG 8  O6    ? ? ? 1_555 B DC 4  N4 ? ? A DG 8  B DC 15 1_555 ? ? ? ? ? ? WATSON-CRICK ?     ? ? 
hydrog23 hydrog ?    ? A DA 9  N1    ? ? ? 1_555 B DT 3  N3 ? ? A DA 9  B DT 14 1_555 ? ? ? ? ? ? WATSON-CRICK ?     ? ? 
hydrog24 hydrog ?    ? A DA 9  N6    ? ? ? 1_555 B DT 3  O4 ? ? A DA 9  B DT 14 1_555 ? ? ? ? ? ? WATSON-CRICK ?     ? ? 
hydrog25 hydrog ?    ? A DA 10 N1    ? ? ? 1_555 B DT 2  N3 ? ? A DA 10 B DT 13 1_555 ? ? ? ? ? ? WATSON-CRICK ?     ? ? 
hydrog26 hydrog ?    ? A DA 10 N6    ? ? ? 1_555 B DT 2  O4 ? ? A DA 10 B DT 13 1_555 ? ? ? ? ? ? WATSON-CRICK ?     ? ? 
hydrog27 hydrog ?    ? A DG 11 N1    ? ? ? 1_555 B DC 1  N3 ? ? A DG 11 B DC 12 1_555 ? ? ? ? ? ? WATSON-CRICK ?     ? ? 
hydrog28 hydrog ?    ? A DG 11 N2    ? ? ? 1_555 B DC 1  O2 ? ? A DG 11 B DC 12 1_555 ? ? ? ? ? ? WATSON-CRICK ?     ? ? 
hydrog29 hydrog ?    ? A DG 11 O6    ? ? ? 1_555 B DC 1  N4 ? ? A DG 11 B DC 12 1_555 ? ? ? ? ? ? WATSON-CRICK ?     ? ? 
# 
loop_
_struct_conn_type.id 
_struct_conn_type.criteria 
_struct_conn_type.reference 
covale ? ? 
hydrog ? ? 
# 
loop_
_pdbx_validate_rmsd_bond.id 
_pdbx_validate_rmsd_bond.PDB_model_num 
_pdbx_validate_rmsd_bond.auth_atom_id_1 
_pdbx_validate_rmsd_bond.auth_asym_id_1 
_pdbx_validate_rmsd_bond.auth_comp_id_1 
_pdbx_validate_rmsd_bond.auth_seq_id_1 
_pdbx_validate_rmsd_bond.PDB_ins_code_1 
_pdbx_validate_rmsd_bond.label_alt_id_1 
_pdbx_validate_rmsd_bond.auth_atom_id_2 
_pdbx_validate_rmsd_bond.auth_asym_id_2 
_pdbx_validate_rmsd_bond.auth_comp_id_2 
_pdbx_validate_rmsd_bond.auth_seq_id_2 
_pdbx_validate_rmsd_bond.PDB_ins_code_2 
_pdbx_validate_rmsd_bond.label_alt_id_2 
_pdbx_validate_rmsd_bond.bond_value 
_pdbx_validate_rmsd_bond.bond_target_value 
_pdbx_validate_rmsd_bond.bond_deviation 
_pdbx_validate_rmsd_bond.bond_standard_deviation 
_pdbx_validate_rmsd_bond.linker_flag 
1 1 "O5'" A DG 2  ? ? "C5'" A DG 2  ? ? 1.211 1.418 -0.207 0.025 N 
2 1 N7    A DG 11 ? ? C8    A DG 11 ? ? 1.266 1.305 -0.039 0.006 N 
3 1 "O3'" B DT 17 ? ? P     B DG 18 ? ? 1.301 1.607 -0.306 0.012 Y 
4 1 P     B DG 18 ? ? OP1   B DG 18 ? ? 1.040 1.485 -0.445 0.017 N 
5 1 P     B DG 18 ? ? OP2   B DG 18 ? ? 1.054 1.485 -0.431 0.017 N 
6 1 "O5'" B DT 19 ? ? "C5'" B DT 19 ? ? 1.199 1.418 -0.219 0.025 N 
7 1 N7    B DG 22 ? ? C8    B DG 22 ? ? 1.264 1.305 -0.041 0.006 N 
# 
loop_
_pdbx_validate_rmsd_angle.id 
_pdbx_validate_rmsd_angle.PDB_model_num 
_pdbx_validate_rmsd_angle.auth_atom_id_1 
_pdbx_validate_rmsd_angle.auth_asym_id_1 
_pdbx_validate_rmsd_angle.auth_comp_id_1 
_pdbx_validate_rmsd_angle.auth_seq_id_1 
_pdbx_validate_rmsd_angle.PDB_ins_code_1 
_pdbx_validate_rmsd_angle.label_alt_id_1 
_pdbx_validate_rmsd_angle.auth_atom_id_2 
_pdbx_validate_rmsd_angle.auth_asym_id_2 
_pdbx_validate_rmsd_angle.auth_comp_id_2 
_pdbx_validate_rmsd_angle.auth_seq_id_2 
_pdbx_validate_rmsd_angle.PDB_ins_code_2 
_pdbx_validate_rmsd_angle.label_alt_id_2 
_pdbx_validate_rmsd_angle.auth_atom_id_3 
_pdbx_validate_rmsd_angle.auth_asym_id_3 
_pdbx_validate_rmsd_angle.auth_comp_id_3 
_pdbx_validate_rmsd_angle.auth_seq_id_3 
_pdbx_validate_rmsd_angle.PDB_ins_code_3 
_pdbx_validate_rmsd_angle.label_alt_id_3 
_pdbx_validate_rmsd_angle.angle_value 
_pdbx_validate_rmsd_angle.angle_target_value 
_pdbx_validate_rmsd_angle.angle_deviation 
_pdbx_validate_rmsd_angle.angle_standard_deviation 
_pdbx_validate_rmsd_angle.linker_flag 
1  1 "O4'" A DC 1  ? ? "C1'" A DC 1  ? ? N1    A DC 1  ? ? 111.27 108.30 2.97  0.30 N 
2  1 "O4'" A DG 2  ? ? "C1'" A DG 2  ? ? N9    A DG 2  ? ? 111.58 108.30 3.28  0.30 N 
3  1 N7    A DG 2  ? ? C8    A DG 2  ? ? N9    A DG 2  ? ? 117.65 113.10 4.55  0.50 N 
4  1 C8    A DG 2  ? ? N9    A DG 2  ? ? C4    A DG 2  ? ? 103.84 106.40 -2.56 0.40 N 
5  1 "O4'" A DG 3  ? ? "C1'" A DG 3  ? ? N9    A DG 3  ? ? 111.08 108.30 2.78  0.30 N 
6  1 N7    A DG 3  ? ? C8    A DG 3  ? ? N9    A DG 3  ? ? 117.61 113.10 4.51  0.50 N 
7  1 C8    A DG 3  ? ? N9    A DG 3  ? ? C4    A DG 3  ? ? 103.76 106.40 -2.64 0.40 N 
8  1 "O4'" A DA 4  ? ? "C1'" A DA 4  ? ? N9    A DA 4  ? ? 110.57 108.30 2.27  0.30 N 
9  1 N7    A DA 4  ? ? C8    A DA 4  ? ? N9    A DA 4  ? ? 117.60 113.80 3.80  0.50 N 
10 1 "O4'" A DC 5  ? ? "C1'" A DC 5  ? ? N1    A DC 5  ? ? 110.32 108.30 2.02  0.30 N 
11 1 "O4'" A DA 7  ? ? "C1'" A DA 7  ? ? N9    A DA 7  ? ? 111.44 108.30 3.14  0.30 N 
12 1 N7    A DA 7  ? ? C8    A DA 7  ? ? N9    A DA 7  ? ? 117.61 113.80 3.81  0.50 N 
13 1 "O4'" A DG 8  ? ? "C1'" A DG 8  ? ? N9    A DG 8  ? ? 111.67 108.30 3.37  0.30 N 
14 1 N7    A DG 8  ? ? C8    A DG 8  ? ? N9    A DG 8  ? ? 117.56 113.10 4.46  0.50 N 
15 1 C8    A DG 8  ? ? N9    A DG 8  ? ? C4    A DG 8  ? ? 103.74 106.40 -2.66 0.40 N 
16 1 "O4'" A DA 9  ? ? "C1'" A DA 9  ? ? N9    A DA 9  ? ? 110.50 108.30 2.20  0.30 N 
17 1 N7    A DA 9  ? ? C8    A DA 9  ? ? N9    A DA 9  ? ? 117.66 113.80 3.86  0.50 N 
18 1 "O4'" A DA 10 ? ? "C1'" A DA 10 ? ? N9    A DA 10 ? ? 110.79 108.30 2.49  0.30 N 
19 1 N7    A DA 10 ? ? C8    A DA 10 ? ? N9    A DA 10 ? ? 117.38 113.80 3.58  0.50 N 
20 1 "O4'" A DG 11 ? ? "C1'" A DG 11 ? ? N9    A DG 11 ? ? 111.07 108.30 2.77  0.30 N 
21 1 N7    A DG 11 ? ? C8    A DG 11 ? ? N9    A DG 11 ? ? 117.07 113.10 3.97  0.50 N 
22 1 "O4'" B DC 12 ? ? "C1'" B DC 12 ? ? N1    B DC 12 ? ? 110.74 108.30 2.44  0.30 N 
23 1 "O4'" B DT 13 ? ? "C1'" B DT 13 ? ? N1    B DT 13 ? ? 111.12 108.30 2.82  0.30 N 
24 1 "O4'" B DT 14 ? ? "C1'" B DT 14 ? ? N1    B DT 14 ? ? 111.96 108.30 3.66  0.30 N 
25 1 "O4'" B DC 15 ? ? "C1'" B DC 15 ? ? N1    B DC 15 ? ? 110.34 108.30 2.04  0.30 N 
26 1 "O4'" B DT 16 ? ? "C1'" B DT 16 ? ? N1    B DT 16 ? ? 111.91 108.30 3.61  0.30 N 
27 1 "O4'" B DT 17 ? ? "C1'" B DT 17 ? ? N1    B DT 17 ? ? 112.10 108.30 3.80  0.30 N 
28 1 "C3'" B DT 17 ? ? "O3'" B DT 17 ? ? P     B DG 18 ? ? 131.61 119.70 11.91 1.20 Y 
29 1 "O3'" B DT 17 ? ? P     B DG 18 ? ? "O5'" B DG 18 ? ? 118.49 104.00 14.49 1.90 Y 
30 1 "O4'" B DG 18 ? ? "C1'" B DG 18 ? ? N9    B DG 18 ? ? 111.68 108.30 3.38  0.30 N 
31 1 N7    B DG 18 ? ? C8    B DG 18 ? ? N9    B DG 18 ? ? 117.51 113.10 4.41  0.50 N 
32 1 "O5'" B DT 19 ? ? "C5'" B DT 19 ? ? "C4'" B DT 19 ? ? 127.12 111.00 16.12 2.50 N 
33 1 "O4'" B DT 19 ? ? "C1'" B DT 19 ? ? N1    B DT 19 ? ? 111.01 108.30 2.71  0.30 N 
34 1 "O4'" B DC 20 ? ? "C1'" B DC 20 ? ? N1    B DC 20 ? ? 110.95 108.30 2.65  0.30 N 
35 1 "O4'" B DC 21 ? ? "C1'" B DC 21 ? ? N1    B DC 21 ? ? 111.23 108.30 2.93  0.30 N 
36 1 "O4'" B DG 22 ? ? "C1'" B DG 22 ? ? N9    B DG 22 ? ? 112.21 108.30 3.91  0.30 N 
37 1 N7    B DG 22 ? ? C8    B DG 22 ? ? N9    B DG 22 ? ? 117.04 113.10 3.94  0.50 N 
# 
_pdbx_validate_polymer_linkage.id               1 
_pdbx_validate_polymer_linkage.PDB_model_num    1 
_pdbx_validate_polymer_linkage.auth_atom_id_1   "O3'" 
_pdbx_validate_polymer_linkage.auth_asym_id_1   B 
_pdbx_validate_polymer_linkage.auth_comp_id_1   DT 
_pdbx_validate_polymer_linkage.auth_seq_id_1    17 
_pdbx_validate_polymer_linkage.PDB_ins_code_1   ? 
_pdbx_validate_polymer_linkage.label_alt_id_1   ? 
_pdbx_validate_polymer_linkage.auth_atom_id_2   P 
_pdbx_validate_polymer_linkage.auth_asym_id_2   B 
_pdbx_validate_polymer_linkage.auth_comp_id_2   DG 
_pdbx_validate_polymer_linkage.auth_seq_id_2    18 
_pdbx_validate_polymer_linkage.PDB_ins_code_2   ? 
_pdbx_validate_polymer_linkage.label_alt_id_2   ? 
_pdbx_validate_polymer_linkage.dist             1.30 
# 
_pdbx_struct_mod_residue.id               1 
_pdbx_struct_mod_residue.label_asym_id    A 
_pdbx_struct_mod_residue.label_comp_id    E 
_pdbx_struct_mod_residue.label_seq_id     6 
_pdbx_struct_mod_residue.auth_asym_id     A 
_pdbx_struct_mod_residue.auth_comp_id     E 
_pdbx_struct_mod_residue.auth_seq_id      6 
_pdbx_struct_mod_residue.PDB_ins_code     ? 
_pdbx_struct_mod_residue.parent_comp_id   DA 
_pdbx_struct_mod_residue.details          ? 
# 
_pdbx_nmr_ensemble.entry_id                             1AGU 
_pdbx_nmr_ensemble.conformers_calculated_total_number   1 
_pdbx_nmr_ensemble.conformers_submitted_total_number    1 
_pdbx_nmr_ensemble.conformer_selection_criteria         
'THIS STRUCTURE PROVIDED THE BEST-FIT FOR THE NOE DATA BASED ON THE RELAXATION MATRIX ANALYSIS USING CORMA.' 
# 
_pdbx_nmr_exptl_sample_conditions.conditions_id       1 
_pdbx_nmr_exptl_sample_conditions.temperature         293 
_pdbx_nmr_exptl_sample_conditions.pressure            ? 
_pdbx_nmr_exptl_sample_conditions.pH                  6.9 
_pdbx_nmr_exptl_sample_conditions.ionic_strength      ? 
_pdbx_nmr_exptl_sample_conditions.pressure_units      . 
_pdbx_nmr_exptl_sample_conditions.temperature_units   K 
# 
loop_
_pdbx_nmr_exptl.experiment_id 
_pdbx_nmr_exptl.conditions_id 
_pdbx_nmr_exptl.type 
_pdbx_nmr_exptl.solution_id 
1 1 NOESY       1 
2 1 2QF-COSY    1 
3 1 'AND TOCSY' 1 
4 1 ': NOESY'   1 
5 1 2QF-COSY    1 
6 1 AND         1 
7 1 H           1 
# 
_pdbx_nmr_refine.entry_id           1AGU 
_pdbx_nmr_refine.method             'NOE-RESTRAINED MOLECULAR DYNAMICS/SIMULATED ANNEALING' 
_pdbx_nmr_refine.details            'REFINEMENT DETAILS CAN BE FOUND IN THE JRNL CITATION ABOVE.' 
_pdbx_nmr_refine.software_ordinal   1 
# 
loop_
_pdbx_nmr_software.classification 
_pdbx_nmr_software.name 
_pdbx_nmr_software.version 
_pdbx_nmr_software.authors 
_pdbx_nmr_software.ordinal 
refinement           X-PLOR    3.1 BRUNGER 1 
'structure solution' Felix     ?   ?       2 
'structure solution' X-PLOR    ?   ?       3 
'structure solution' MARDIGRAS ?   ?       4 
'structure solution' CORMA     ?   ?       5 
# 
loop_
_chem_comp_atom.comp_id 
_chem_comp_atom.atom_id 
_chem_comp_atom.type_symbol 
_chem_comp_atom.pdbx_aromatic_flag 
_chem_comp_atom.pdbx_stereo_config 
_chem_comp_atom.pdbx_ordinal 
DA OP3    O N N 1   
DA P      P N N 2   
DA OP1    O N N 3   
DA OP2    O N N 4   
DA "O5'"  O N N 5   
DA "C5'"  C N N 6   
DA "C4'"  C N R 7   
DA "O4'"  O N N 8   
DA "C3'"  C N S 9   
DA "O3'"  O N N 10  
DA "C2'"  C N N 11  
DA "C1'"  C N R 12  
DA N9     N Y N 13  
DA C8     C Y N 14  
DA N7     N Y N 15  
DA C5     C Y N 16  
DA C6     C Y N 17  
DA N6     N N N 18  
DA N1     N Y N 19  
DA C2     C Y N 20  
DA N3     N Y N 21  
DA C4     C Y N 22  
DA HOP3   H N N 23  
DA HOP2   H N N 24  
DA "H5'"  H N N 25  
DA "H5''" H N N 26  
DA "H4'"  H N N 27  
DA "H3'"  H N N 28  
DA "HO3'" H N N 29  
DA "H2'"  H N N 30  
DA "H2''" H N N 31  
DA "H1'"  H N N 32  
DA H8     H N N 33  
DA H61    H N N 34  
DA H62    H N N 35  
DA H2     H N N 36  
DC OP3    O N N 37  
DC P      P N N 38  
DC OP1    O N N 39  
DC OP2    O N N 40  
DC "O5'"  O N N 41  
DC "C5'"  C N N 42  
DC "C4'"  C N R 43  
DC "O4'"  O N N 44  
DC "C3'"  C N S 45  
DC "O3'"  O N N 46  
DC "C2'"  C N N 47  
DC "C1'"  C N R 48  
DC N1     N N N 49  
DC C2     C N N 50  
DC O2     O N N 51  
DC N3     N N N 52  
DC C4     C N N 53  
DC N4     N N N 54  
DC C5     C N N 55  
DC C6     C N N 56  
DC HOP3   H N N 57  
DC HOP2   H N N 58  
DC "H5'"  H N N 59  
DC "H5''" H N N 60  
DC "H4'"  H N N 61  
DC "H3'"  H N N 62  
DC "HO3'" H N N 63  
DC "H2'"  H N N 64  
DC "H2''" H N N 65  
DC "H1'"  H N N 66  
DC H41    H N N 67  
DC H42    H N N 68  
DC H5     H N N 69  
DC H6     H N N 70  
DG OP3    O N N 71  
DG P      P N N 72  
DG OP1    O N N 73  
DG OP2    O N N 74  
DG "O5'"  O N N 75  
DG "C5'"  C N N 76  
DG "C4'"  C N R 77  
DG "O4'"  O N N 78  
DG "C3'"  C N S 79  
DG "O3'"  O N N 80  
DG "C2'"  C N N 81  
DG "C1'"  C N R 82  
DG N9     N Y N 83  
DG C8     C Y N 84  
DG N7     N Y N 85  
DG C5     C Y N 86  
DG C6     C N N 87  
DG O6     O N N 88  
DG N1     N N N 89  
DG C2     C N N 90  
DG N2     N N N 91  
DG N3     N N N 92  
DG C4     C Y N 93  
DG HOP3   H N N 94  
DG HOP2   H N N 95  
DG "H5'"  H N N 96  
DG "H5''" H N N 97  
DG "H4'"  H N N 98  
DG "H3'"  H N N 99  
DG "HO3'" H N N 100 
DG "H2'"  H N N 101 
DG "H2''" H N N 102 
DG "H1'"  H N N 103 
DG H8     H N N 104 
DG H1     H N N 105 
DG H21    H N N 106 
DG H22    H N N 107 
DT OP3    O N N 108 
DT P      P N N 109 
DT OP1    O N N 110 
DT OP2    O N N 111 
DT "O5'"  O N N 112 
DT "C5'"  C N N 113 
DT "C4'"  C N R 114 
DT "O4'"  O N N 115 
DT "C3'"  C N S 116 
DT "O3'"  O N N 117 
DT "C2'"  C N N 118 
DT "C1'"  C N R 119 
DT N1     N N N 120 
DT C2     C N N 121 
DT O2     O N N 122 
DT N3     N N N 123 
DT C4     C N N 124 
DT O4     O N N 125 
DT C5     C N N 126 
DT C7     C N N 127 
DT C6     C N N 128 
DT HOP3   H N N 129 
DT HOP2   H N N 130 
DT "H5'"  H N N 131 
DT "H5''" H N N 132 
DT "H4'"  H N N 133 
DT "H3'"  H N N 134 
DT "HO3'" H N N 135 
DT "H2'"  H N N 136 
DT "H2''" H N N 137 
DT "H1'"  H N N 138 
DT H3     H N N 139 
DT H71    H N N 140 
DT H72    H N N 141 
DT H73    H N N 142 
DT H6     H N N 143 
E  P      P N N 144 
E  OP1    O N N 145 
E  OP2    O N N 146 
E  OP3    O N N 147 
E  "O5'"  O N N 148 
E  "C5'"  C N N 149 
E  "C4'"  C N R 150 
E  "O4'"  O N N 151 
E  "C3'"  C N S 152 
E  "O3'"  O N N 153 
E  "C2'"  C N N 154 
E  "C1'"  C N R 155 
E  N9     N Y N 156 
E  C8     C Y N 157 
E  N7     N Y N 158 
E  C5     C Y N 159 
E  C6     C Y N 160 
E  N6     N N N 161 
E  N1     N Y N 162 
E  C2     C Y N 163 
E  N3     N Y N 164 
E  C4     C Y N 165 
E  C1     C Y N 166 
E  C2A    C Y N 167 
E  C3     C Y N 168 
E  C3A    C Y N 169 
E  C4A    C Y N 170 
E  C5B    C Y N 171 
E  C5M    C Y N 172 
E  C6B    C Y N 173 
E  C6A    C Y N 174 
E  C7     C N S 175 
E  O7     O N N 176 
E  C8A    C N R 177 
E  O8     O N N 178 
E  C9     C N S 179 
E  O9     O N N 180 
E  C10    C N R 181 
E  C11    C Y N 182 
E  C12    C Y N 183 
E  C13    C Y N 184 
E  C14    C Y N 185 
E  C15    C Y N 186 
E  C16    C Y N 187 
E  C17    C Y N 188 
E  HOP2   H N N 189 
E  HOP3   H N N 190 
E  "H5'"  H N N 191 
E  "H5''" H N N 192 
E  "H4'"  H N N 193 
E  "H3'"  H N N 194 
E  "HO3'" H N N 195 
E  "H2'"  H N N 196 
E  "H2''" H N N 197 
E  "H1'"  H N N 198 
E  H8     H N N 199 
E  H6     H N N 200 
E  H2     H N N 201 
E  H1     H N N 202 
E  H2A    H N N 203 
E  H3     H N N 204 
E  H4A    H N N 205 
E  H5B    H N N 206 
E  H6B    H N N 207 
E  H7     H N N 208 
E  HO7    H N N 209 
E  H8A    H N N 210 
E  HO8    H N N 211 
E  H9     H N N 212 
E  HO9    H N N 213 
E  H10    H N N 214 
E  H11    H N N 215 
E  H17    H N N 216 
# 
loop_
_chem_comp_bond.comp_id 
_chem_comp_bond.atom_id_1 
_chem_comp_bond.atom_id_2 
_chem_comp_bond.value_order 
_chem_comp_bond.pdbx_aromatic_flag 
_chem_comp_bond.pdbx_stereo_config 
_chem_comp_bond.pdbx_ordinal 
DA OP3   P      sing N N 1   
DA OP3   HOP3   sing N N 2   
DA P     OP1    doub N N 3   
DA P     OP2    sing N N 4   
DA P     "O5'"  sing N N 5   
DA OP2   HOP2   sing N N 6   
DA "O5'" "C5'"  sing N N 7   
DA "C5'" "C4'"  sing N N 8   
DA "C5'" "H5'"  sing N N 9   
DA "C5'" "H5''" sing N N 10  
DA "C4'" "O4'"  sing N N 11  
DA "C4'" "C3'"  sing N N 12  
DA "C4'" "H4'"  sing N N 13  
DA "O4'" "C1'"  sing N N 14  
DA "C3'" "O3'"  sing N N 15  
DA "C3'" "C2'"  sing N N 16  
DA "C3'" "H3'"  sing N N 17  
DA "O3'" "HO3'" sing N N 18  
DA "C2'" "C1'"  sing N N 19  
DA "C2'" "H2'"  sing N N 20  
DA "C2'" "H2''" sing N N 21  
DA "C1'" N9     sing N N 22  
DA "C1'" "H1'"  sing N N 23  
DA N9    C8     sing Y N 24  
DA N9    C4     sing Y N 25  
DA C8    N7     doub Y N 26  
DA C8    H8     sing N N 27  
DA N7    C5     sing Y N 28  
DA C5    C6     sing Y N 29  
DA C5    C4     doub Y N 30  
DA C6    N6     sing N N 31  
DA C6    N1     doub Y N 32  
DA N6    H61    sing N N 33  
DA N6    H62    sing N N 34  
DA N1    C2     sing Y N 35  
DA C2    N3     doub Y N 36  
DA C2    H2     sing N N 37  
DA N3    C4     sing Y N 38  
DC OP3   P      sing N N 39  
DC OP3   HOP3   sing N N 40  
DC P     OP1    doub N N 41  
DC P     OP2    sing N N 42  
DC P     "O5'"  sing N N 43  
DC OP2   HOP2   sing N N 44  
DC "O5'" "C5'"  sing N N 45  
DC "C5'" "C4'"  sing N N 46  
DC "C5'" "H5'"  sing N N 47  
DC "C5'" "H5''" sing N N 48  
DC "C4'" "O4'"  sing N N 49  
DC "C4'" "C3'"  sing N N 50  
DC "C4'" "H4'"  sing N N 51  
DC "O4'" "C1'"  sing N N 52  
DC "C3'" "O3'"  sing N N 53  
DC "C3'" "C2'"  sing N N 54  
DC "C3'" "H3'"  sing N N 55  
DC "O3'" "HO3'" sing N N 56  
DC "C2'" "C1'"  sing N N 57  
DC "C2'" "H2'"  sing N N 58  
DC "C2'" "H2''" sing N N 59  
DC "C1'" N1     sing N N 60  
DC "C1'" "H1'"  sing N N 61  
DC N1    C2     sing N N 62  
DC N1    C6     sing N N 63  
DC C2    O2     doub N N 64  
DC C2    N3     sing N N 65  
DC N3    C4     doub N N 66  
DC C4    N4     sing N N 67  
DC C4    C5     sing N N 68  
DC N4    H41    sing N N 69  
DC N4    H42    sing N N 70  
DC C5    C6     doub N N 71  
DC C5    H5     sing N N 72  
DC C6    H6     sing N N 73  
DG OP3   P      sing N N 74  
DG OP3   HOP3   sing N N 75  
DG P     OP1    doub N N 76  
DG P     OP2    sing N N 77  
DG P     "O5'"  sing N N 78  
DG OP2   HOP2   sing N N 79  
DG "O5'" "C5'"  sing N N 80  
DG "C5'" "C4'"  sing N N 81  
DG "C5'" "H5'"  sing N N 82  
DG "C5'" "H5''" sing N N 83  
DG "C4'" "O4'"  sing N N 84  
DG "C4'" "C3'"  sing N N 85  
DG "C4'" "H4'"  sing N N 86  
DG "O4'" "C1'"  sing N N 87  
DG "C3'" "O3'"  sing N N 88  
DG "C3'" "C2'"  sing N N 89  
DG "C3'" "H3'"  sing N N 90  
DG "O3'" "HO3'" sing N N 91  
DG "C2'" "C1'"  sing N N 92  
DG "C2'" "H2'"  sing N N 93  
DG "C2'" "H2''" sing N N 94  
DG "C1'" N9     sing N N 95  
DG "C1'" "H1'"  sing N N 96  
DG N9    C8     sing Y N 97  
DG N9    C4     sing Y N 98  
DG C8    N7     doub Y N 99  
DG C8    H8     sing N N 100 
DG N7    C5     sing Y N 101 
DG C5    C6     sing N N 102 
DG C5    C4     doub Y N 103 
DG C6    O6     doub N N 104 
DG C6    N1     sing N N 105 
DG N1    C2     sing N N 106 
DG N1    H1     sing N N 107 
DG C2    N2     sing N N 108 
DG C2    N3     doub N N 109 
DG N2    H21    sing N N 110 
DG N2    H22    sing N N 111 
DG N3    C4     sing N N 112 
DT OP3   P      sing N N 113 
DT OP3   HOP3   sing N N 114 
DT P     OP1    doub N N 115 
DT P     OP2    sing N N 116 
DT P     "O5'"  sing N N 117 
DT OP2   HOP2   sing N N 118 
DT "O5'" "C5'"  sing N N 119 
DT "C5'" "C4'"  sing N N 120 
DT "C5'" "H5'"  sing N N 121 
DT "C5'" "H5''" sing N N 122 
DT "C4'" "O4'"  sing N N 123 
DT "C4'" "C3'"  sing N N 124 
DT "C4'" "H4'"  sing N N 125 
DT "O4'" "C1'"  sing N N 126 
DT "C3'" "O3'"  sing N N 127 
DT "C3'" "C2'"  sing N N 128 
DT "C3'" "H3'"  sing N N 129 
DT "O3'" "HO3'" sing N N 130 
DT "C2'" "C1'"  sing N N 131 
DT "C2'" "H2'"  sing N N 132 
DT "C2'" "H2''" sing N N 133 
DT "C1'" N1     sing N N 134 
DT "C1'" "H1'"  sing N N 135 
DT N1    C2     sing N N 136 
DT N1    C6     sing N N 137 
DT C2    O2     doub N N 138 
DT C2    N3     sing N N 139 
DT N3    C4     sing N N 140 
DT N3    H3     sing N N 141 
DT C4    O4     doub N N 142 
DT C4    C5     sing N N 143 
DT C5    C7     sing N N 144 
DT C5    C6     doub N N 145 
DT C7    H71    sing N N 146 
DT C7    H72    sing N N 147 
DT C7    H73    sing N N 148 
DT C6    H6     sing N N 149 
E  P     OP1    doub N N 150 
E  P     OP2    sing N N 151 
E  P     OP3    sing N N 152 
E  P     "O5'"  sing N N 153 
E  OP2   HOP2   sing N N 154 
E  OP3   HOP3   sing N N 155 
E  "O5'" "C5'"  sing N N 156 
E  "C5'" "C4'"  sing N N 157 
E  "C5'" "H5'"  sing N N 158 
E  "C5'" "H5''" sing N N 159 
E  "C4'" "O4'"  sing N N 160 
E  "C4'" "C3'"  sing N N 161 
E  "C4'" "H4'"  sing N N 162 
E  "O4'" "C1'"  sing N N 163 
E  "C3'" "O3'"  sing N N 164 
E  "C3'" "C2'"  sing N N 165 
E  "C3'" "H3'"  sing N N 166 
E  "O3'" "HO3'" sing N N 167 
E  "C2'" "C1'"  sing N N 168 
E  "C2'" "H2'"  sing N N 169 
E  "C2'" "H2''" sing N N 170 
E  "C1'" N9     sing N N 171 
E  "C1'" "H1'"  sing N N 172 
E  N9    C8     sing Y N 173 
E  N9    C4     sing Y N 174 
E  C8    N7     doub Y N 175 
E  C8    H8     sing N N 176 
E  N7    C5     sing Y N 177 
E  C5    C6     sing Y N 178 
E  C5    C4     doub Y N 179 
E  C6    N6     sing N N 180 
E  C6    N1     doub Y N 181 
E  N6    C10    sing N N 182 
E  N6    H6     sing N N 183 
E  N1    C2     sing Y N 184 
E  C2    N3     doub Y N 185 
E  C2    H2     sing N N 186 
E  N3    C4     sing Y N 187 
E  C1    C2A    doub Y N 188 
E  C1    C12    sing Y N 189 
E  C1    H1     sing N N 190 
E  C2A   C3     sing Y N 191 
E  C2A   H2A    sing N N 192 
E  C3    C3A    doub Y N 193 
E  C3    H3     sing N N 194 
E  C3A   C4A    sing Y N 195 
E  C3A   C13    sing Y N 196 
E  C4A   C5B    doub Y N 197 
E  C4A   H4A    sing N N 198 
E  C5B   C5M    sing Y N 199 
E  C5B   H5B    sing N N 200 
E  C5M   C6B    doub Y N 201 
E  C5M   C14    sing Y N 202 
E  C6B   C6A    sing Y N 203 
E  C6B   H6B    sing N N 204 
E  C6A   C7     sing N N 205 
E  C6A   C15    doub Y N 206 
E  C7    O7     sing N N 207 
E  C7    C8A    sing N N 208 
E  C7    H7     sing N N 209 
E  O7    HO7    sing N N 210 
E  C8A   O8     sing N N 211 
E  C8A   C9     sing N N 212 
E  C8A   H8A    sing N N 213 
E  O8    HO8    sing N N 214 
E  C9    O9     sing N N 215 
E  C9    C10    sing N N 216 
E  C9    H9     sing N N 217 
E  O9    HO9    sing N N 218 
E  C10   C15    sing N N 219 
E  C10   H10    sing N N 220 
E  C11   C16    sing Y N 221 
E  C11   C17    doub Y N 222 
E  C11   H11    sing N N 223 
E  C12   C13    doub Y N 224 
E  C12   C17    sing Y N 225 
E  C13   C14    sing Y N 226 
E  C14   C16    doub Y N 227 
E  C15   C16    sing Y N 228 
E  C17   H17    sing N N 229 
# 
loop_
_ndb_struct_conf_na.entry_id 
_ndb_struct_conf_na.feature 
1AGU 'double helix'        
1AGU 'b-form double helix' 
# 
loop_
_ndb_struct_na_base_pair.model_number 
_ndb_struct_na_base_pair.i_label_asym_id 
_ndb_struct_na_base_pair.i_label_comp_id 
_ndb_struct_na_base_pair.i_label_seq_id 
_ndb_struct_na_base_pair.i_symmetry 
_ndb_struct_na_base_pair.j_label_asym_id 
_ndb_struct_na_base_pair.j_label_comp_id 
_ndb_struct_na_base_pair.j_label_seq_id 
_ndb_struct_na_base_pair.j_symmetry 
_ndb_struct_na_base_pair.shear 
_ndb_struct_na_base_pair.stretch 
_ndb_struct_na_base_pair.stagger 
_ndb_struct_na_base_pair.buckle 
_ndb_struct_na_base_pair.propeller 
_ndb_struct_na_base_pair.opening 
_ndb_struct_na_base_pair.pair_number 
_ndb_struct_na_base_pair.pair_name 
_ndb_struct_na_base_pair.i_auth_asym_id 
_ndb_struct_na_base_pair.i_auth_seq_id 
_ndb_struct_na_base_pair.i_PDB_ins_code 
_ndb_struct_na_base_pair.j_auth_asym_id 
_ndb_struct_na_base_pair.j_auth_seq_id 
_ndb_struct_na_base_pair.j_PDB_ins_code 
_ndb_struct_na_base_pair.hbond_type_28 
_ndb_struct_na_base_pair.hbond_type_12 
1 A DC 1  1_555 B DG 11 1_555 0.622  -0.361 -0.228 7.334   -8.328  -0.411  1  A_DC1:DG22_B  A 1  ? B 22 ? 19 1 
1 A DG 2  1_555 B DC 10 1_555 -0.237 -0.158 -0.021 4.345   -4.462  -3.417  2  A_DG2:DC21_B  A 2  ? B 21 ? 19 1 
1 A DG 3  1_555 B DC 9  1_555 -0.704 -0.206 -0.168 0.000   -9.831  2.017   3  A_DG3:DC20_B  A 3  ? B 20 ? 19 1 
1 A DA 4  1_555 B DT 8  1_555 0.132  -0.236 -0.250 12.594  -10.155 8.541   4  A_DA4:DT19_B  A 4  ? B 19 ? 20 1 
1 A DC 5  1_555 B DG 7  1_555 1.338  -0.370 -1.025 29.395  -32.978 24.528  5  A_DC5:DG18_B  A 5  ? B 18 ? 19 1 
1 A E  6  1_555 B DT 6  1_555 -1.189 -0.318 -0.988 -26.377 -1.028  -0.756  6  A_E6:DT17_B   A 6  ? B 17 ? 20 1 
1 A DA 7  1_555 B DT 5  1_555 0.480  0.036  -0.207 14.852  -1.846  -11.179 7  A_DA7:DT16_B  A 7  ? B 16 ? 20 1 
1 A DG 8  1_555 B DC 4  1_555 -0.560 -0.216 -0.037 9.185   -2.221  0.119   8  A_DG8:DC15_B  A 8  ? B 15 ? 19 1 
1 A DA 9  1_555 B DT 3  1_555 0.097  -0.170 -0.142 11.139  -14.126 -3.737  9  A_DA9:DT14_B  A 9  ? B 14 ? 20 1 
1 A DA 10 1_555 B DT 2  1_555 0.342  -0.057 -0.187 15.400  -19.278 -5.693  10 A_DA10:DT13_B A 10 ? B 13 ? 20 1 
1 A DG 11 1_555 B DC 1  1_555 -0.649 -0.316 0.254  11.725  -5.314  0.848   11 A_DG11:DC12_B A 11 ? B 12 ? 19 1 
# 
loop_
_ndb_struct_na_base_pair_step.model_number 
_ndb_struct_na_base_pair_step.i_label_asym_id_1 
_ndb_struct_na_base_pair_step.i_label_comp_id_1 
_ndb_struct_na_base_pair_step.i_label_seq_id_1 
_ndb_struct_na_base_pair_step.i_symmetry_1 
_ndb_struct_na_base_pair_step.j_label_asym_id_1 
_ndb_struct_na_base_pair_step.j_label_comp_id_1 
_ndb_struct_na_base_pair_step.j_label_seq_id_1 
_ndb_struct_na_base_pair_step.j_symmetry_1 
_ndb_struct_na_base_pair_step.i_label_asym_id_2 
_ndb_struct_na_base_pair_step.i_label_comp_id_2 
_ndb_struct_na_base_pair_step.i_label_seq_id_2 
_ndb_struct_na_base_pair_step.i_symmetry_2 
_ndb_struct_na_base_pair_step.j_label_asym_id_2 
_ndb_struct_na_base_pair_step.j_label_comp_id_2 
_ndb_struct_na_base_pair_step.j_label_seq_id_2 
_ndb_struct_na_base_pair_step.j_symmetry_2 
_ndb_struct_na_base_pair_step.shift 
_ndb_struct_na_base_pair_step.slide 
_ndb_struct_na_base_pair_step.rise 
_ndb_struct_na_base_pair_step.tilt 
_ndb_struct_na_base_pair_step.roll 
_ndb_struct_na_base_pair_step.twist 
_ndb_struct_na_base_pair_step.x_displacement 
_ndb_struct_na_base_pair_step.y_displacement 
_ndb_struct_na_base_pair_step.helical_rise 
_ndb_struct_na_base_pair_step.inclination 
_ndb_struct_na_base_pair_step.tip 
_ndb_struct_na_base_pair_step.helical_twist 
_ndb_struct_na_base_pair_step.step_number 
_ndb_struct_na_base_pair_step.step_name 
_ndb_struct_na_base_pair_step.i_auth_asym_id_1 
_ndb_struct_na_base_pair_step.i_auth_seq_id_1 
_ndb_struct_na_base_pair_step.i_PDB_ins_code_1 
_ndb_struct_na_base_pair_step.j_auth_asym_id_1 
_ndb_struct_na_base_pair_step.j_auth_seq_id_1 
_ndb_struct_na_base_pair_step.j_PDB_ins_code_1 
_ndb_struct_na_base_pair_step.i_auth_asym_id_2 
_ndb_struct_na_base_pair_step.i_auth_seq_id_2 
_ndb_struct_na_base_pair_step.i_PDB_ins_code_2 
_ndb_struct_na_base_pair_step.j_auth_asym_id_2 
_ndb_struct_na_base_pair_step.j_auth_seq_id_2 
_ndb_struct_na_base_pair_step.j_PDB_ins_code_2 
1 A DC 1  1_555 B DG 11 1_555 A DG 2  1_555 B DC 10 1_555 -0.722 -1.000 3.081 -0.705 15.329  25.747 -4.691 1.272  2.174 31.126  
1.433   29.907 1 AA_DC1DG2:DC21DG22_BB   A 1  ? B 22 ? A 2  ? B 21 ? 
1 A DG 2  1_555 B DC 10 1_555 A DG 3  1_555 B DC 9  1_555 0.533  -0.239 3.334 1.114  9.656   32.081 -2.027 -0.739 3.148 16.991  
-1.961  33.484 2 AA_DG2DG3:DC20DC21_BB   A 2  ? B 21 ? A 3  ? B 20 ? 
1 A DG 3  1_555 B DC 9  1_555 A DA 4  1_555 B DT 8  1_555 0.301  0.279  3.112 -1.106 -6.704  40.428 1.089  -0.544 3.021 -9.618  
1.586   40.972 3 AA_DG3DA4:DT19DC20_BB   A 3  ? B 20 ? A 4  ? B 19 ? 
1 A DA 4  1_555 B DT 8  1_555 A DC 5  1_555 B DG 7  1_555 0.350  0.045  2.837 11.039 1.894   38.193 -0.129 0.620  2.826 2.821   
-16.443 39.743 4 AA_DA4DC5:DG18DT19_BB   A 4  ? B 19 ? A 5  ? B 18 ? 
1 A E  6  1_555 B DT 6  1_555 A DA 7  1_555 B DT 5  1_555 -0.725 -0.284 2.304 1.013  -5.263  34.358 0.093  1.322  2.300 -8.842  
-1.702  34.761 5 AA_E6DA7:DT16DT17_BB    A 6  ? B 17 ? A 7  ? B 16 ? 
1 A DA 7  1_555 B DT 5  1_555 A DG 8  1_555 B DC 4  1_555 0.953  -0.633 3.400 -0.858 2.504   27.107 -1.988 -2.244 3.298 5.327   
1.824   27.233 6 AA_DA7DG8:DC15DT16_BB   A 7  ? B 16 ? A 8  ? B 15 ? 
1 A DG 8  1_555 B DC 4  1_555 A DA 9  1_555 B DT 3  1_555 -0.146 -0.163 3.433 0.224  -8.416  42.469 0.646  0.221  3.403 -11.483 
-0.305  43.257 7 AA_DG8DA9:DT14DC15_BB   A 8  ? B 15 ? A 9  ? B 14 ? 
1 A DA 9  1_555 B DT 3  1_555 A DA 10 1_555 B DT 2  1_555 -0.414 -0.162 3.346 4.854  -10.822 35.612 1.202  1.297  3.179 -17.120 
-7.678  37.474 8 AA_DA9DA10:DT13DT14_BB  A 9  ? B 14 ? A 10 ? B 13 ? 
1 A DA 10 1_555 B DT 2  1_555 A DG 11 1_555 B DC 1  1_555 0.158  -0.014 3.256 -4.576 13.026  27.008 -2.646 -1.223 2.882 25.857  
9.083   30.274 9 AA_DA10DG11:DC12DT13_BB A 10 ? B 13 ? A 11 ? B 12 ? 
# 
_pdbx_nmr_spectrometer.spectrometer_id   1 
_pdbx_nmr_spectrometer.model             AMX500 
_pdbx_nmr_spectrometer.manufacturer      Bruker 
_pdbx_nmr_spectrometer.field_strength    500 
# 
_atom_sites.entry_id                    1AGU 
_atom_sites.fract_transf_matrix[1][1]   1.000000 
_atom_sites.fract_transf_matrix[1][2]   0.000000 
_atom_sites.fract_transf_matrix[1][3]   0.000000 
_atom_sites.fract_transf_matrix[2][1]   0.000000 
_atom_sites.fract_transf_matrix[2][2]   1.000000 
_atom_sites.fract_transf_matrix[2][3]   0.000000 
_atom_sites.fract_transf_matrix[3][1]   0.000000 
_atom_sites.fract_transf_matrix[3][2]   0.000000 
_atom_sites.fract_transf_matrix[3][3]   1.000000 
_atom_sites.fract_transf_vector[1]      0.00000 
_atom_sites.fract_transf_vector[2]      0.00000 
_atom_sites.fract_transf_vector[3]      0.00000 
# 
loop_
_atom_type.symbol 
C 
H 
N 
O 
P 
# 
loop_
_atom_site.group_PDB 
_atom_site.id 
_atom_site.type_symbol 
_atom_site.label_atom_id 
_atom_site.label_alt_id 
_atom_site.label_comp_id 
_atom_site.label_asym_id 
_atom_site.label_entity_id 
_atom_site.label_seq_id 
_atom_site.pdbx_PDB_ins_code 
_atom_site.Cartn_x 
_atom_site.Cartn_y 
_atom_site.Cartn_z 
_atom_site.occupancy 
_atom_site.B_iso_or_equiv 
_atom_site.pdbx_formal_charge 
_atom_site.auth_seq_id 
_atom_site.auth_comp_id 
_atom_site.auth_asym_id 
_atom_site.auth_atom_id 
_atom_site.pdbx_PDB_model_num 
ATOM   1   O "O5'"  . DC A 1 1  ? -14.088 15.166  3.757   1.00 1.05 ? 1  DC A "O5'"  1 
ATOM   2   C "C5'"  . DC A 1 1  ? -14.260 16.345  2.982   1.00 1.05 ? 1  DC A "C5'"  1 
ATOM   3   C "C4'"  . DC A 1 1  ? -12.982 16.732  2.272   1.00 0.91 ? 1  DC A "C4'"  1 
ATOM   4   O "O4'"  . DC A 1 1  ? -11.922 16.954  3.214   1.00 0.88 ? 1  DC A "O4'"  1 
ATOM   5   C "C3'"  . DC A 1 1  ? -12.548 15.641  1.326   1.00 0.80 ? 1  DC A "C3'"  1 
ATOM   6   O "O3'"  . DC A 1 1  ? -12.658 16.069  -0.027  1.00 0.80 ? 1  DC A "O3'"  1 
ATOM   7   C "C2'"  . DC A 1 1  ? -11.125 15.336  1.686   1.00 0.69 ? 1  DC A "C2'"  1 
ATOM   8   C "C1'"  . DC A 1 1  ? -10.734 16.281  2.789   1.00 0.74 ? 1  DC A "C1'"  1 
ATOM   9   N N1     . DC A 1 1  ? -10.105 15.556  3.901   1.00 0.75 ? 1  DC A N1     1 
ATOM   10  C C2     . DC A 1 1  ? -8.847  15.961  4.300   1.00 0.73 ? 1  DC A C2     1 
ATOM   11  O O2     . DC A 1 1  ? -8.290  16.890  3.736   1.00 0.69 ? 1  DC A O2     1 
ATOM   12  N N3     . DC A 1 1  ? -8.252  15.299  5.319   1.00 0.78 ? 1  DC A N3     1 
ATOM   13  C C4     . DC A 1 1  ? -8.862  14.283  5.922   1.00 0.85 ? 1  DC A C4     1 
ATOM   14  N N4     . DC A 1 1  ? -8.244  13.658  6.915   1.00 0.93 ? 1  DC A N4     1 
ATOM   15  C C5     . DC A 1 1  ? -10.158 13.861  5.516   1.00 0.88 ? 1  DC A C5     1 
ATOM   16  C C6     . DC A 1 1  ? -10.740 14.521  4.507   1.00 0.82 ? 1  DC A C6     1 
ATOM   17  H "H5'"  . DC A 1 1  ? -14.554 17.153  3.633   1.00 1.16 ? 1  DC A "H5'"  1 
ATOM   18  H "H5''" . DC A 1 1  ? -15.040 16.177  2.249   1.00 1.08 ? 1  DC A "H5''" 1 
ATOM   19  H "H4'"  . DC A 1 1  ? -13.151 17.641  1.711   1.00 0.95 ? 1  DC A "H4'"  1 
ATOM   20  H "H3'"  . DC A 1 1  ? -13.158 14.757  1.484   1.00 0.84 ? 1  DC A "H3'"  1 
ATOM   21  H "H2'"  . DC A 1 1  ? -11.051 14.308  2.037   1.00 0.69 ? 1  DC A "H2'"  1 
ATOM   22  H "H2''" . DC A 1 1  ? -10.482 15.492  0.827   1.00 0.64 ? 1  DC A "H2''" 1 
ATOM   23  H "H1'"  . DC A 1 1  ? -10.035 17.011  2.403   1.00 0.71 ? 1  DC A "H1'"  1 
ATOM   24  H H41    . DC A 1 1  ? -7.328  13.956  7.203   1.00 0.93 ? 1  DC A H41    1 
ATOM   25  H H42    . DC A 1 1  ? -8.692  12.889  7.380   1.00 1.00 ? 1  DC A H42    1 
ATOM   26  H H5     . DC A 1 1  ? -10.657 13.033  6.006   1.00 0.96 ? 1  DC A H5     1 
ATOM   27  H H6     . DC A 1 1  ? -11.724 14.222  4.166   1.00 0.86 ? 1  DC A H6     1 
ATOM   28  H "HO5'" . DC A 1 1  ? -13.766 14.969  3.882   1.00 1.15 ? 1  DC A "HO5'" 1 
ATOM   29  P P      . DG A 1 2  ? -12.189 15.118  -1.219  1.00 0.76 ? 2  DG A P      1 
ATOM   30  O OP1    . DG A 1 2  ? -12.754 15.645  -2.470  1.00 0.86 ? 2  DG A OP1    1 
ATOM   31  O OP2    . DG A 1 2  ? -12.449 13.726  -0.830  1.00 0.79 ? 2  DG A OP2    1 
ATOM   32  O "O5'"  . DG A 1 2  ? -10.604 15.347  -1.237  1.00 0.68 ? 2  DG A "O5'"  1 
ATOM   33  C "C5'"  . DG A 1 2  ? -9.954  16.088  -1.941  1.00 0.70 ? 2  DG A "C5'"  1 
ATOM   34  C "C4'"  . DG A 1 2  ? -8.465  16.089  -2.024  1.00 0.49 ? 2  DG A "C4'"  1 
ATOM   35  O "O4'"  . DG A 1 2  ? -7.883  16.270  -0.731  1.00 0.49 ? 2  DG A "O4'"  1 
ATOM   36  C "C3'"  . DG A 1 2  ? -7.956  14.810  -2.588  1.00 0.39 ? 2  DG A "C3'"  1 
ATOM   37  O "O3'"  . DG A 1 2  ? -7.540  14.959  -3.945  1.00 0.41 ? 2  DG A "O3'"  1 
ATOM   38  C "C2'"  . DG A 1 2  ? -6.837  14.432  -1.707  1.00 0.44 ? 2  DG A "C2'"  1 
ATOM   39  C "C1'"  . DG A 1 2  ? -6.773  15.401  -0.580  1.00 0.42 ? 2  DG A "C1'"  1 
ATOM   40  N N9     . DG A 1 2  ? -6.804  14.706  0.708   1.00 0.37 ? 2  DG A N9     1 
ATOM   41  C C8     . DG A 1 2  ? -7.821  14.061  1.287   1.00 0.38 ? 2  DG A C8     1 
ATOM   42  N N7     . DG A 1 2  ? -7.610  13.520  2.436   1.00 0.40 ? 2  DG A N7     1 
ATOM   43  C C5     . DG A 1 2  ? -6.276  13.838  2.662   1.00 0.36 ? 2  DG A C5     1 
ATOM   44  C C6     . DG A 1 2  ? -5.438  13.527  3.762   1.00 0.39 ? 2  DG A C6     1 
ATOM   45  O O6     . DG A 1 2  ? -5.708  12.903  4.776   1.00 0.43 ? 2  DG A O6     1 
ATOM   46  N N1     . DG A 1 2  ? -4.167  14.033  3.591   1.00 0.43 ? 2  DG A N1     1 
ATOM   47  C C2     . DG A 1 2  ? -3.749  14.752  2.500   1.00 0.49 ? 2  DG A C2     1 
ATOM   48  N N2     . DG A 1 2  ? -2.488  15.151  2.518   1.00 0.61 ? 2  DG A N2     1 
ATOM   49  N N3     . DG A 1 2  ? -4.531  15.050  1.462   1.00 0.47 ? 2  DG A N3     1 
ATOM   50  C C4     . DG A 1 2  ? -5.775  14.566  1.605   1.00 0.38 ? 2  DG A C4     1 
ATOM   51  H "H5'"  . DG A 1 2  ? -10.206 16.822  -1.711  1.00 1.21 ? 2  DG A "H5'"  1 
ATOM   52  H "H5''" . DG A 1 2  ? -10.292 15.939  -2.669  1.00 1.16 ? 2  DG A "H5''" 1 
ATOM   53  H "H4'"  . DG A 1 2  ? -8.157  16.883  -2.670  1.00 0.57 ? 2  DG A "H4'"  1 
ATOM   54  H "H3'"  . DG A 1 2  ? -8.714  14.070  -2.519  1.00 0.52 ? 2  DG A "H3'"  1 
ATOM   55  H "H2'"  . DG A 1 2  ? -6.990  13.474  -1.308  1.00 0.57 ? 2  DG A "H2'"  1 
ATOM   56  H "H2''" . DG A 1 2  ? -5.952  14.458  -2.269  1.00 0.63 ? 2  DG A "H2''" 1 
ATOM   57  H "H1'"  . DG A 1 2  ? -5.874  15.963  -0.648  1.00 0.59 ? 2  DG A "H1'"  1 
ATOM   58  H H8     . DG A 1 2  ? -8.783  13.995  0.790   1.00 0.42 ? 2  DG A H8     1 
ATOM   59  H H1     . DG A 1 2  ? -3.515  13.846  4.336   1.00 0.47 ? 2  DG A H1     1 
ATOM   60  H H21    . DG A 1 2  ? -1.897  14.925  3.301   1.00 0.64 ? 2  DG A H21    1 
ATOM   61  H H22    . DG A 1 2  ? -2.123  15.678  1.746   1.00 0.69 ? 2  DG A H22    1 
ATOM   62  P P      . DG A 1 3  ? -7.036  13.690  -4.789  1.00 0.43 ? 3  DG A P      1 
ATOM   63  O OP1    . DG A 1 3  ? -6.951  14.090  -6.207  1.00 0.52 ? 3  DG A OP1    1 
ATOM   64  O OP2    . DG A 1 3  ? -7.846  12.518  -4.401  1.00 0.45 ? 3  DG A OP2    1 
ATOM   65  O "O5'"  . DG A 1 3  ? -5.547  13.469  -4.238  1.00 0.37 ? 3  DG A "O5'"  1 
ATOM   66  C "C5'"  . DG A 1 3  ? -4.538  14.451  -4.476  1.00 0.40 ? 3  DG A "C5'"  1 
ATOM   67  C "C4'"  . DG A 1 3  ? -3.220  14.085  -3.802  1.00 0.39 ? 3  DG A "C4'"  1 
ATOM   68  O "O4'"  . DG A 1 3  ? -3.367  14.063  -2.367  1.00 0.37 ? 3  DG A "O4'"  1 
ATOM   69  C "C3'"  . DG A 1 3  ? -2.738  12.714  -4.250  1.00 0.39 ? 3  DG A "C3'"  1 
ATOM   70  O "O3'"  . DG A 1 3  ? -1.502  12.820  -4.965  1.00 0.44 ? 3  DG A "O3'"  1 
ATOM   71  C "C2'"  . DG A 1 3  ? -2.570  11.907  -2.988  1.00 0.36 ? 3  DG A "C2'"  1 
ATOM   72  C "C1'"  . DG A 1 3  ? -2.799  12.854  -1.831  1.00 0.34 ? 3  DG A "C1'"  1 
ATOM   73  N N9     . DG A 1 3  ? -3.687  12.252  -0.824  1.00 0.30 ? 3  DG A N9     1 
ATOM   74  C C8     . DG A 1 3  ? -5.016  12.012  -0.882  1.00 0.29 ? 3  DG A C8     1 
ATOM   75  N N7     . DG A 1 3  ? -5.571  11.470  0.149   1.00 0.27 ? 3  DG A N7     1 
ATOM   76  C C5     . DG A 1 3  ? -4.485  11.323  1.014   1.00 0.26 ? 3  DG A C5     1 
ATOM   77  C C6     . DG A 1 3  ? -4.429  10.784  2.326   1.00 0.26 ? 3  DG A C6     1 
ATOM   78  O O6     . DG A 1 3  ? -5.344  10.323  3.001   1.00 0.27 ? 3  DG A O6     1 
ATOM   79  N N1     . DG A 1 3  ? -3.142  10.822  2.838   1.00 0.27 ? 3  DG A N1     1 
ATOM   80  C C2     . DG A 1 3  ? -2.039  11.318  2.177   1.00 0.29 ? 3  DG A C2     1 
ATOM   81  N N2     . DG A 1 3  ? -0.882  11.262  2.833   1.00 0.33 ? 3  DG A N2     1 
ATOM   82  N N3     . DG A 1 3  ? -2.082  11.830  0.945   1.00 0.30 ? 3  DG A N3     1 
ATOM   83  C C4     . DG A 1 3  ? -3.327  11.801  0.423   1.00 0.28 ? 3  DG A C4     1 
ATOM   84  H "H5'"  . DG A 1 3  ? -4.879  15.408  -4.090  1.00 0.41 ? 3  DG A "H5'"  1 
ATOM   85  H "H5''" . DG A 1 3  ? -4.377  14.539  -5.548  1.00 0.44 ? 3  DG A "H5''" 1 
ATOM   86  H "H4'"  . DG A 1 3  ? -2.472  14.828  -4.066  1.00 0.44 ? 3  DG A "H4'"  1 
ATOM   87  H "H3'"  . DG A 1 3  ? -3.495  12.248  -4.879  1.00 0.39 ? 3  DG A "H3'"  1 
ATOM   88  H "H2'"  . DG A 1 3  ? -3.303  11.104  -2.962  1.00 0.34 ? 3  DG A "H2'"  1 
ATOM   89  H "H2''" . DG A 1 3  ? -1.566  11.497  -2.936  1.00 0.40 ? 3  DG A "H2''" 1 
ATOM   90  H "H1'"  . DG A 1 3  ? -1.843  13.080  -1.368  1.00 0.36 ? 3  DG A "H1'"  1 
ATOM   91  H H8     . DG A 1 3  ? -5.596  12.272  -1.767  1.00 0.31 ? 3  DG A H8     1 
ATOM   92  H H1     . DG A 1 3  ? -3.027  10.448  3.768   1.00 0.28 ? 3  DG A H1     1 
ATOM   93  H H21    . DG A 1 3  ? -0.846  10.867  3.760   1.00 0.33 ? 3  DG A H21    1 
ATOM   94  H H22    . DG A 1 3  ? -0.040  11.607  2.398   1.00 0.37 ? 3  DG A H22    1 
ATOM   95  P P      . DA A 1 4  ? -0.679  11.506  -5.400  1.00 0.46 ? 4  DA A P      1 
ATOM   96  O OP1    . DA A 1 4  ? 0.363   11.913  -6.366  1.00 0.52 ? 4  DA A OP1    1 
ATOM   97  O OP2    . DA A 1 4  ? -1.647  10.449  -5.766  1.00 0.44 ? 4  DA A OP2    1 
ATOM   98  O "O5'"  . DA A 1 4  ? 0.044   11.075  -4.028  1.00 0.46 ? 4  DA A "O5'"  1 
ATOM   99  C "C5'"  . DA A 1 4  ? 1.073   11.891  -3.462  1.00 0.48 ? 4  DA A "C5'"  1 
ATOM   100 C "C4'"  . DA A 1 4  ? 1.751   11.211  -2.276  1.00 0.47 ? 4  DA A "C4'"  1 
ATOM   101 O "O4'"  . DA A 1 4  ? 0.819   11.012  -1.191  1.00 0.45 ? 4  DA A "O4'"  1 
ATOM   102 C "C3'"  . DA A 1 4  ? 2.311   9.856   -2.676  1.00 0.46 ? 4  DA A "C3'"  1 
ATOM   103 O "O3'"  . DA A 1 4  ? 3.695   9.765   -2.299  1.00 0.47 ? 4  DA A "O3'"  1 
ATOM   104 C "C2'"  . DA A 1 4  ? 1.460   8.845   -1.943  1.00 0.43 ? 4  DA A "C2'"  1 
ATOM   105 C "C1'"  . DA A 1 4  ? 0.717   9.610   -0.869  1.00 0.41 ? 4  DA A "C1'"  1 
ATOM   106 N N9     . DA A 1 4  ? -0.696  9.196   -0.802  1.00 0.40 ? 4  DA A N9     1 
ATOM   107 C C8     . DA A 1 4  ? -1.635  9.188   -1.776  1.00 0.40 ? 4  DA A C8     1 
ATOM   108 N N7     . DA A 1 4  ? -2.820  8.790   -1.459  1.00 0.39 ? 4  DA A N7     1 
ATOM   109 C C5     . DA A 1 4  ? -2.663  8.492   -0.104  1.00 0.38 ? 4  DA A C5     1 
ATOM   110 C C6     . DA A 1 4  ? -3.545  8.014   0.866   1.00 0.37 ? 4  DA A C6     1 
ATOM   111 N N6     . DA A 1 4  ? -4.822  7.729   0.613   1.00 0.37 ? 4  DA A N6     1 
ATOM   112 N N1     . DA A 1 4  ? -3.062  7.834   2.105   1.00 0.36 ? 4  DA A N1     1 
ATOM   113 C C2     . DA A 1 4  ? -1.787  8.104   2.384   1.00 0.36 ? 4  DA A C2     1 
ATOM   114 N N3     . DA A 1 4  ? -0.864  8.562   1.544   1.00 0.37 ? 4  DA A N3     1 
ATOM   115 C C4     . DA A 1 4  ? -1.372  8.736   0.306   1.00 0.38 ? 4  DA A C4     1 
ATOM   116 H "H5'"  . DA A 1 4  ? 0.637   12.832  -3.129  1.00 0.49 ? 4  DA A "H5'"  1 
ATOM   117 H "H5''" . DA A 1 4  ? 1.820   12.099  -4.226  1.00 0.50 ? 4  DA A "H5''" 1 
ATOM   118 H "H4'"  . DA A 1 4  ? 2.565   11.837  -1.927  1.00 0.49 ? 4  DA A "H4'"  1 
ATOM   119 H "H3'"  . DA A 1 4  ? 2.208   9.718   -3.755  1.00 0.47 ? 4  DA A "H3'"  1 
ATOM   120 H "H2'"  . DA A 1 4  ? 0.746   8.394   -2.633  1.00 0.42 ? 4  DA A "H2'"  1 
ATOM   121 H "H2''" . DA A 1 4  ? 2.083   8.074   -1.493  1.00 0.42 ? 4  DA A "H2''" 1 
ATOM   122 H "H1'"  . DA A 1 4  ? 1.192   9.423   0.092   1.00 0.40 ? 4  DA A "H1'"  1 
ATOM   123 H H8     . DA A 1 4  ? -1.399  9.512   -2.788  1.00 0.43 ? 4  DA A H8     1 
ATOM   124 H H61    . DA A 1 4  ? -5.418  7.380   1.351   1.00 0.37 ? 4  DA A H61    1 
ATOM   125 H H62    . DA A 1 4  ? -5.194  7.858   -0.317  1.00 0.38 ? 4  DA A H62    1 
ATOM   126 H H2     . DA A 1 4  ? -1.465  7.917   3.413   1.00 0.35 ? 4  DA A H2     1 
ATOM   127 P P      . DC A 1 5  ? 4.472   8.356   -2.275  1.00 0.46 ? 5  DC A P      1 
ATOM   128 O OP1    . DC A 1 5  ? 5.922   8.627   -2.357  1.00 0.48 ? 5  DC A OP1    1 
ATOM   129 O OP2    . DC A 1 5  ? 3.833   7.451   -3.258  1.00 0.46 ? 5  DC A OP2    1 
ATOM   130 O "O5'"  . DC A 1 5  ? 4.142   7.814   -0.799  1.00 0.45 ? 5  DC A "O5'"  1 
ATOM   131 C "C5'"  . DC A 1 5  ? 4.290   6.431   -0.480  1.00 0.43 ? 5  DC A "C5'"  1 
ATOM   132 C "C4'"  . DC A 1 5  ? 3.916   6.146   0.972   1.00 0.41 ? 5  DC A "C4'"  1 
ATOM   133 O "O4'"  . DC A 1 5  ? 2.566   6.571   1.257   1.00 0.40 ? 5  DC A "O4'"  1 
ATOM   134 C "C3'"  . DC A 1 5  ? 4.014   4.660   1.263   1.00 0.40 ? 5  DC A "C3'"  1 
ATOM   135 O "O3'"  . DC A 1 5  ? 4.801   4.422   2.434   1.00 0.42 ? 5  DC A "O3'"  1 
ATOM   136 C "C2'"  . DC A 1 5  ? 2.598   4.188   1.484   1.00 0.39 ? 5  DC A "C2'"  1 
ATOM   137 C "C1'"  . DC A 1 5  ? 1.734   5.431   1.549   1.00 0.39 ? 5  DC A "C1'"  1 
ATOM   138 N N1     . DC A 1 5  ? 0.603   5.372   0.613   1.00 0.39 ? 5  DC A N1     1 
ATOM   139 C C2     . DC A 1 5  ? -0.657  5.470   1.161   1.00 0.39 ? 5  DC A C2     1 
ATOM   140 O O2     . DC A 1 5  ? -0.791  5.598   2.373   1.00 0.39 ? 5  DC A O2     1 
ATOM   141 N N3     . DC A 1 5  ? -1.731  5.418   0.337   1.00 0.39 ? 5  DC A N3     1 
ATOM   142 C C4     . DC A 1 5  ? -1.574  5.261   -0.980  1.00 0.40 ? 5  DC A C4     1 
ATOM   143 N N4     . DC A 1 5  ? -2.658  5.182   -1.753  1.00 0.41 ? 5  DC A N4     1 
ATOM   144 C C5     . DC A 1 5  ? -0.264  5.156   -1.557  1.00 0.40 ? 5  DC A C5     1 
ATOM   145 C C6     . DC A 1 5  ? 0.791   5.225   -0.724  1.00 0.40 ? 5  DC A C6     1 
ATOM   146 H "H5'"  . DC A 1 5  ? 5.328   6.141   -0.642  1.00 0.44 ? 5  DC A "H5'"  1 
ATOM   147 H "H5''" . DC A 1 5  ? 3.651   5.845   -1.136  1.00 0.43 ? 5  DC A "H5''" 1 
ATOM   148 H "H4'"  . DC A 1 5  ? 4.598   6.681   1.622   1.00 0.41 ? 5  DC A "H4'"  1 
ATOM   149 H "H3'"  . DC A 1 5  ? 4.452   4.150   0.402   1.00 0.41 ? 5  DC A "H3'"  1 
ATOM   150 H "H2'"  . DC A 1 5  ? 2.277   3.543   0.667   1.00 0.39 ? 5  DC A "H2'"  1 
ATOM   151 H "H2''" . DC A 1 5  ? 2.535   3.647   2.430   1.00 0.39 ? 5  DC A "H2''" 1 
ATOM   152 H "H1'"  . DC A 1 5  ? 1.337   5.516   2.558   1.00 0.38 ? 5  DC A "H1'"  1 
ATOM   153 H H41    . DC A 1 5  ? -3.576  5.254   -1.343  1.00 0.41 ? 5  DC A H41    1 
ATOM   154 H H42    . DC A 1 5  ? -2.558  5.048   -2.749  1.00 0.42 ? 5  DC A H42    1 
ATOM   155 H H5     . DC A 1 5  ? -0.127  4.989   -2.625  1.00 0.41 ? 5  DC A H5     1 
ATOM   156 H H6     . DC A 1 5  ? 1.804   5.218   -1.124  1.00 0.41 ? 5  DC A H6     1 
HETATM 157 P P      . E  A 1 6  ? 6.405   4.358   2.369   1.00 0.45 ? 6  E  A P      1 
HETATM 158 O OP1    . E  A 1 6  ? 6.942   5.667   2.798   1.00 0.46 ? 6  E  A OP1    1 
HETATM 159 O OP2    . E  A 1 6  ? 6.794   3.792   1.059   1.00 0.48 ? 6  E  A OP2    1 
HETATM 160 O "O5'"  . E  A 1 6  ? 6.749   3.272   3.509   1.00 0.47 ? 6  E  A "O5'"  1 
HETATM 161 C "C5'"  . E  A 1 6  ? 6.481   3.545   4.890   1.00 0.48 ? 6  E  A "C5'"  1 
HETATM 162 C "C4'"  . E  A 1 6  ? 5.736   2.391   5.559   1.00 0.47 ? 6  E  A "C4'"  1 
HETATM 163 O "O4'"  . E  A 1 6  ? 4.395   2.272   5.037   1.00 0.46 ? 6  E  A "O4'"  1 
HETATM 164 C "C3'"  . E  A 1 6  ? 6.455   1.071   5.321   1.00 0.48 ? 6  E  A "C3'"  1 
HETATM 165 O "O3'"  . E  A 1 6  ? 6.941   0.522   6.554   1.00 0.50 ? 6  E  A "O3'"  1 
HETATM 166 C "C2'"  . E  A 1 6  ? 5.444   0.160   4.685   1.00 0.46 ? 6  E  A "C2'"  1 
HETATM 167 C "C1'"  . E  A 1 6  ? 4.142   0.918   4.612   1.00 0.45 ? 6  E  A "C1'"  1 
HETATM 168 N N9     . E  A 1 6  ? 3.615   0.889   3.242   1.00 0.43 ? 6  E  A N9     1 
HETATM 169 C C8     . E  A 1 6  ? 4.049   1.546   2.151   1.00 0.43 ? 6  E  A C8     1 
HETATM 170 N N7     . E  A 1 6  ? 3.436   1.333   1.037   1.00 0.42 ? 6  E  A N7     1 
HETATM 171 C C5     . E  A 1 6  ? 2.466   0.408   1.427   1.00 0.41 ? 6  E  A C5     1 
HETATM 172 C C6     . E  A 1 6  ? 1.466   -0.267  0.716   1.00 0.40 ? 6  E  A C6     1 
HETATM 173 N N6     . E  A 1 6  ? 0.997   0.126   -0.495  1.00 0.40 ? 6  E  A N6     1 
HETATM 174 N N1     . E  A 1 6  ? 0.701   -1.146  1.452   1.00 0.40 ? 6  E  A N1     1 
HETATM 175 C C2     . E  A 1 6  ? 0.896   -1.304  2.758   1.00 0.41 ? 6  E  A C2     1 
HETATM 176 N N3     . E  A 1 6  ? 1.812   -0.710  3.503   1.00 0.42 ? 6  E  A N3     1 
HETATM 177 C C4     . E  A 1 6  ? 2.570   0.131   2.775   1.00 0.42 ? 6  E  A C4     1 
HETATM 178 C C1     . E  A 1 6  ? -4.807  0.467   1.471   1.00 0.35 ? 6  E  A C1     1 
HETATM 179 C C2A    . E  A 1 6  ? -6.092  0.467   0.902   1.00 0.34 ? 6  E  A C2A    1 
HETATM 180 C C3     . E  A 1 6  ? -6.255  0.747   -0.461  1.00 0.35 ? 6  E  A C3     1 
HETATM 181 C C3A    . E  A 1 6  ? -5.135  1.025   -1.258  1.00 0.36 ? 6  E  A C3A    1 
HETATM 182 C C4A    . E  A 1 6  ? -5.302  1.296   -2.616  1.00 0.37 ? 6  E  A C4A    1 
HETATM 183 C C5B    . E  A 1 6  ? -4.183  1.568   -3.429  1.00 0.38 ? 6  E  A C5B    1 
HETATM 184 C C5M    . E  A 1 6  ? -2.891  1.561   -2.870  1.00 0.38 ? 6  E  A C5M    1 
HETATM 185 C C6B    . E  A 1 6  ? -1.759  1.786   -3.678  1.00 0.39 ? 6  E  A C6B    1 
HETATM 186 C C6A    . E  A 1 6  ? -0.466  1.735   -3.115  1.00 0.40 ? 6  E  A C6A    1 
HETATM 187 C C7     . E  A 1 6  ? 0.744   1.935   -3.985  1.00 0.42 ? 6  E  A C7     1 
HETATM 188 O O7     . E  A 1 6  ? 0.419   1.610   -5.339  1.00 0.44 ? 6  E  A O7     1 
HETATM 189 C C8A    . E  A 1 6  ? 1.847   1.032   -3.463  1.00 0.43 ? 6  E  A C8A    1 
HETATM 190 O O8     . E  A 1 6  ? 2.983   1.088   -4.327  1.00 0.45 ? 6  E  A O8     1 
HETATM 191 C C9     . E  A 1 6  ? 2.238   1.439   -2.045  1.00 0.41 ? 6  E  A C9     1 
HETATM 192 O O9     . E  A 1 6  ? 2.747   2.775   -2.044  1.00 0.42 ? 6  E  A O9     1 
HETATM 193 C C10    . E  A 1 6  ? 1.054   1.333   -1.069  1.00 0.40 ? 6  E  A C10    1 
HETATM 194 C C11    . E  A 1 6  ? -1.289  0.978   0.435   1.00 0.37 ? 6  E  A C11    1 
HETATM 195 C C12    . E  A 1 6  ? -3.686  0.746   0.677   1.00 0.35 ? 6  E  A C12    1 
HETATM 196 C C13    . E  A 1 6  ? -3.851  1.026   -0.692  1.00 0.36 ? 6  E  A C13    1 
HETATM 197 C C14    . E  A 1 6  ? -2.729  1.290   -1.499  1.00 0.37 ? 6  E  A C14    1 
HETATM 198 C C15    . E  A 1 6  ? -0.309  1.462   -1.739  1.00 0.39 ? 6  E  A C15    1 
HETATM 199 C C16    . E  A 1 6  ? -1.446  1.253   -0.936  1.00 0.37 ? 6  E  A C16    1 
HETATM 200 C C17    . E  A 1 6  ? -2.400  0.732   1.239   1.00 0.36 ? 6  E  A C17    1 
HETATM 201 H "H5'"  . E  A 1 6  ? 5.878   4.449   4.968   1.00 0.48 ? 6  E  A "H5'"  1 
HETATM 202 H "H5''" . E  A 1 6  ? 7.427   3.705   5.408   1.00 0.49 ? 6  E  A "H5''" 1 
HETATM 203 H "H4'"  . E  A 1 6  ? 5.682   2.575   6.630   1.00 0.48 ? 6  E  A "H4'"  1 
HETATM 204 H "H3'"  . E  A 1 6  ? 7.282   1.227   4.629   1.00 0.48 ? 6  E  A "H3'"  1 
HETATM 205 H "H2'"  . E  A 1 6  ? 5.768   -0.112  3.683   1.00 0.46 ? 6  E  A "H2'"  1 
HETATM 206 H "H2''" . E  A 1 6  ? 5.315   -0.733  5.289   1.00 0.47 ? 6  E  A "H2''" 1 
HETATM 207 H "H1'"  . E  A 1 6  ? 3.427   0.453   5.279   1.00 0.45 ? 6  E  A "H1'"  1 
HETATM 208 H H8     . E  A 1 6  ? 4.915   2.198   2.207   1.00 0.45 ? 6  E  A H8     1 
HETATM 209 H H6     . E  A 1 6  ? 0.308   -0.476  -0.924  1.00 0.40 ? 6  E  A H6     1 
HETATM 210 H H2     . E  A 1 6  ? 0.186   -1.951  3.280   1.00 0.41 ? 6  E  A H2     1 
HETATM 211 H H1     . E  A 1 6  ? -4.685  0.250   2.521   1.00 0.35 ? 6  E  A H1     1 
HETATM 212 H H2A    . E  A 1 6  ? -6.952  0.255   1.515   1.00 0.34 ? 6  E  A H2A    1 
HETATM 213 H H3     . E  A 1 6  ? -7.241  0.744   -0.899  1.00 0.35 ? 6  E  A H3     1 
HETATM 214 H H4A    . E  A 1 6  ? -6.292  1.289   -3.035  1.00 0.37 ? 6  E  A H4A    1 
HETATM 215 H H5B    . E  A 1 6  ? -4.316  1.779   -4.480  1.00 0.39 ? 6  E  A H5B    1 
HETATM 216 H H6B    . E  A 1 6  ? -1.880  1.995   -4.730  1.00 0.40 ? 6  E  A H6B    1 
HETATM 217 H H7     . E  A 1 6  ? 1.066   2.973   -3.931  1.00 0.41 ? 6  E  A H7     1 
HETATM 218 H HO7    . E  A 1 6  ? 0.535   1.930   -5.756  1.00 0.88 ? 6  E  A HO7    1 
HETATM 219 H H8A    . E  A 1 6  ? 1.474   0.013   -3.441  1.00 0.43 ? 6  E  A H8A    1 
HETATM 220 H HO8    . E  A 1 6  ? 3.079   1.054   -4.691  1.00 0.87 ? 6  E  A HO8    1 
HETATM 221 H H9     . E  A 1 6  ? 3.028   0.772   -1.700  1.00 0.42 ? 6  E  A H9     1 
HETATM 222 H HO9    . E  A 1 6  ? 3.315   2.858   -1.476  1.00 0.78 ? 6  E  A HO9    1 
HETATM 223 H H10    . E  A 1 6  ? 1.147   2.093   -0.296  1.00 0.39 ? 6  E  A H10    1 
HETATM 224 H H11    . E  A 1 6  ? -0.305  0.977   0.873   1.00 0.38 ? 6  E  A H11    1 
HETATM 225 H H17    . E  A 1 6  ? -2.260  0.534   2.292   1.00 0.36 ? 6  E  A H17    1 
ATOM   226 P P      . DA A 1 7  ? 7.627   -0.936  6.597   1.00 0.51 ? 7  DA A P      1 
ATOM   227 O OP1    . DA A 1 7  ? 8.122   -1.174  7.970   1.00 0.54 ? 7  DA A OP1    1 
ATOM   228 O OP2    . DA A 1 7  ? 8.554   -1.048  5.450   1.00 0.53 ? 7  DA A OP2    1 
ATOM   229 O "O5'"  . DA A 1 7  ? 6.378   -1.922  6.332   1.00 0.48 ? 7  DA A "O5'"  1 
ATOM   230 C "C5'"  . DA A 1 7  ? 5.423   -2.188  7.365   1.00 0.48 ? 7  DA A "C5'"  1 
ATOM   231 C "C4'"  . DA A 1 7  ? 4.622   -3.456  7.078   1.00 0.46 ? 7  DA A "C4'"  1 
ATOM   232 O "O4'"  . DA A 1 7  ? 3.783   -3.293  5.907   1.00 0.44 ? 7  DA A "O4'"  1 
ATOM   233 C "C3'"  . DA A 1 7  ? 5.554   -4.634  6.827   1.00 0.46 ? 7  DA A "C3'"  1 
ATOM   234 O "O3'"  . DA A 1 7  ? 5.219   -5.732  7.686   1.00 0.48 ? 7  DA A "O3'"  1 
ATOM   235 C "C2'"  . DA A 1 7  ? 5.354   -4.986  5.378   1.00 0.45 ? 7  DA A "C2'"  1 
ATOM   236 C "C1'"  . DA A 1 7  ? 4.032   -4.368  4.978   1.00 0.43 ? 7  DA A "C1'"  1 
ATOM   237 N N9     . DA A 1 7  ? 4.064   -3.880  3.583   1.00 0.42 ? 7  DA A N9     1 
ATOM   238 C C8     . DA A 1 7  ? 5.082   -3.321  2.888   1.00 0.43 ? 7  DA A C8     1 
ATOM   239 N N7     . DA A 1 7  ? 4.860   -2.998  1.659   1.00 0.42 ? 7  DA A N7     1 
ATOM   240 C C5     . DA A 1 7  ? 3.528   -3.386  1.501   1.00 0.41 ? 7  DA A C5     1 
ATOM   241 C C6     . DA A 1 7  ? 2.651   -3.328  0.415   1.00 0.40 ? 7  DA A C6     1 
ATOM   242 N N6     . DA A 1 7  ? 3.000   -2.834  -0.772  1.00 0.40 ? 7  DA A N6     1 
ATOM   243 N N1     . DA A 1 7  ? 1.403   -3.798  0.598   1.00 0.39 ? 7  DA A N1     1 
ATOM   244 C C2     . DA A 1 7  ? 1.040   -4.296  1.784   1.00 0.40 ? 7  DA A C2     1 
ATOM   245 N N3     . DA A 1 7  ? 1.792   -4.400  2.877   1.00 0.41 ? 7  DA A N3     1 
ATOM   246 C C4     . DA A 1 7  ? 3.034   -3.923  2.666   1.00 0.41 ? 7  DA A C4     1 
ATOM   247 H "H5'"  . DA A 1 7  ? 4.739   -1.345  7.442   1.00 0.48 ? 7  DA A "H5'"  1 
ATOM   248 H "H5''" . DA A 1 7  ? 5.950   -2.309  8.311   1.00 0.49 ? 7  DA A "H5''" 1 
ATOM   249 H "H4'"  . DA A 1 7  ? 3.991   -3.679  7.938   1.00 0.46 ? 7  DA A "H4'"  1 
ATOM   250 H "H3'"  . DA A 1 7  ? 6.589   -4.332  6.990   1.00 0.47 ? 7  DA A "H3'"  1 
ATOM   251 H "H2'"  . DA A 1 7  ? 6.154   -4.558  4.784   1.00 0.46 ? 7  DA A "H2'"  1 
ATOM   252 H "H2''" . DA A 1 7  ? 5.329   -6.059  5.246   1.00 0.46 ? 7  DA A "H2''" 1 
ATOM   253 H "H1'"  . DA A 1 7  ? 3.250   -5.119  5.075   1.00 0.43 ? 7  DA A "H1'"  1 
ATOM   254 H H8     . DA A 1 7  ? 6.052   -3.158  3.350   1.00 0.44 ? 7  DA A H8     1 
ATOM   255 H H61    . DA A 1 7  ? 2.330   -2.814  -1.528  1.00 0.39 ? 7  DA A H61    1 
ATOM   256 H H62    . DA A 1 7  ? 3.934   -2.478  -0.914  1.00 0.41 ? 7  DA A H62    1 
ATOM   257 H H2     . DA A 1 7  ? 0.013   -4.652  1.869   1.00 0.40 ? 7  DA A H2     1 
ATOM   258 P P      . DG A 1 8  ? 5.960   -7.156  7.550   1.00 0.48 ? 8  DG A P      1 
ATOM   259 O OP1    . DG A 1 8  ? 6.031   -7.772  8.894   1.00 0.53 ? 8  DG A OP1    1 
ATOM   260 O OP2    . DG A 1 8  ? 7.197   -6.968  6.762   1.00 0.49 ? 8  DG A OP2    1 
ATOM   261 O "O5'"  . DG A 1 8  ? 4.919   -8.003  6.663   1.00 0.45 ? 8  DG A "O5'"  1 
ATOM   262 C "C5'"  . DG A 1 8  ? 3.612   -8.292  7.165   1.00 0.45 ? 8  DG A "C5'"  1 
ATOM   263 C "C4'"  . DG A 1 8  ? 2.675   -8.770  6.062   1.00 0.42 ? 8  DG A "C4'"  1 
ATOM   264 O "O4'"  . DG A 1 8  ? 2.543   -7.780  5.026   1.00 0.40 ? 8  DG A "O4'"  1 
ATOM   265 C "C3'"  . DG A 1 8  ? 3.187   -10.041 5.414   1.00 0.42 ? 8  DG A "C3'"  1 
ATOM   266 O "O3'"  . DG A 1 8  ? 2.490   -11.188 5.917   1.00 0.46 ? 8  DG A "O3'"  1 
ATOM   267 C "C2'"  . DG A 1 8  ? 2.951   -9.855  3.939   1.00 0.38 ? 8  DG A "C2'"  1 
ATOM   268 C "C1'"  . DG A 1 8  ? 2.433   -8.445  3.755   1.00 0.38 ? 8  DG A "C1'"  1 
ATOM   269 N N9     . DG A 1 8  ? 3.186   -7.737  2.704   1.00 0.36 ? 8  DG A N9     1 
ATOM   270 C C8     . DG A 1 8  ? 4.422   -7.186  2.742   1.00 0.36 ? 8  DG A C8     1 
ATOM   271 N N7     . DG A 1 8  ? 4.863   -6.632  1.662   1.00 0.36 ? 8  DG A N7     1 
ATOM   272 C C5     . DG A 1 8  ? 3.795   -6.830  0.784   1.00 0.34 ? 8  DG A C5     1 
ATOM   273 C C6     . DG A 1 8  ? 3.652   -6.450  -0.576  1.00 0.34 ? 8  DG A C6     1 
ATOM   274 O O6     . DG A 1 8  ? 4.450   -5.852  -1.292  1.00 0.35 ? 8  DG A O6     1 
ATOM   275 N N1     . DG A 1 8  ? 2.425   -6.845  -1.087  1.00 0.35 ? 8  DG A N1     1 
ATOM   276 C C2     . DG A 1 8  ? 1.450   -7.519  -0.382  1.00 0.36 ? 8  DG A C2     1 
ATOM   277 N N2     . DG A 1 8  ? 0.335   -7.815  -1.047  1.00 0.39 ? 8  DG A N2     1 
ATOM   278 N N3     . DG A 1 8  ? 1.577   -7.878  0.897   1.00 0.36 ? 8  DG A N3     1 
ATOM   279 C C4     . DG A 1 8  ? 2.765   -7.505  1.416   1.00 0.35 ? 8  DG A C4     1 
ATOM   280 H "H5'"  . DG A 1 8  ? 3.198   -7.392  7.615   1.00 0.46 ? 8  DG A "H5'"  1 
ATOM   281 H "H5''" . DG A 1 8  ? 3.688   -9.067  7.928   1.00 0.47 ? 8  DG A "H5''" 1 
ATOM   282 H "H4'"  . DG A 1 8  ? 1.695   -8.969  6.483   1.00 0.44 ? 8  DG A "H4'"  1 
ATOM   283 H "H3'"  . DG A 1 8  ? 4.253   -10.137 5.599   1.00 0.43 ? 8  DG A "H3'"  1 
ATOM   284 H "H2'"  . DG A 1 8  ? 3.884   -9.985  3.393   1.00 0.37 ? 8  DG A "H2'"  1 
ATOM   285 H "H2''" . DG A 1 8  ? 2.210   -10.565 3.588   1.00 0.38 ? 8  DG A "H2''" 1 
ATOM   286 H "H1'"  . DG A 1 8  ? 1.388   -8.493  3.471   1.00 0.38 ? 8  DG A "H1'"  1 
ATOM   287 H H8     . DG A 1 8  ? 5.025   -7.217  3.647   1.00 0.37 ? 8  DG A H8     1 
ATOM   288 H H1     . DG A 1 8  ? 2.258   -6.617  -2.056  1.00 0.35 ? 8  DG A H1     1 
ATOM   289 H H21    . DG A 1 8  ? 0.237   -7.546  -2.014  1.00 0.39 ? 8  DG A H21    1 
ATOM   290 H H22    . DG A 1 8  ? -0.412  -8.310  -0.582  1.00 0.41 ? 8  DG A H22    1 
ATOM   291 P P      . DA A 1 9  ? 2.631   -12.629 5.210   1.00 0.48 ? 9  DA A P      1 
ATOM   292 O OP1    . DA A 1 9  ? 2.123   -13.652 6.147   1.00 0.56 ? 9  DA A OP1    1 
ATOM   293 O OP2    . DA A 1 9  ? 3.997   -12.750 4.663   1.00 0.47 ? 9  DA A OP2    1 
ATOM   294 O "O5'"  . DA A 1 9  ? 1.603   -12.519 3.975   1.00 0.44 ? 9  DA A "O5'"  1 
ATOM   295 C "C5'"  . DA A 1 9  ? 0.208   -12.309 4.209   1.00 0.47 ? 9  DA A "C5'"  1 
ATOM   296 C "C4'"  . DA A 1 9  ? -0.593  -12.311 2.910   1.00 0.46 ? 9  DA A "C4'"  1 
ATOM   297 O "O4'"  . DA A 1 9  ? -0.169  -11.243 2.043   1.00 0.43 ? 9  DA A "O4'"  1 
ATOM   298 C "C3'"  . DA A 1 9  ? -0.430  -13.624 2.170   1.00 0.43 ? 9  DA A "C3'"  1 
ATOM   299 O "O3'"  . DA A 1 9  ? -1.699  -14.258 1.985   1.00 0.49 ? 9  DA A "O3'"  1 
ATOM   300 C "C2'"  . DA A 1 9  ? 0.200   -13.275 0.854   1.00 0.38 ? 9  DA A "C2'"  1 
ATOM   301 C "C1'"  . DA A 1 9  ? 0.287   -11.767 0.783   1.00 0.37 ? 9  DA A "C1'"  1 
ATOM   302 N N9     . DA A 1 9  ? 1.662   -11.336 0.514   1.00 0.33 ? 9  DA A N9     1 
ATOM   303 C C8     . DA A 1 9  ? 2.743   -11.396 1.315   1.00 0.34 ? 9  DA A C8     1 
ATOM   304 N N7     . DA A 1 9  ? 3.852   -10.928 0.859   1.00 0.34 ? 9  DA A N7     1 
ATOM   305 C C5     . DA A 1 9  ? 3.469   -10.498 -0.414  1.00 0.32 ? 9  DA A C5     1 
ATOM   306 C C6     . DA A 1 9  ? 4.168   -9.889  -1.455  1.00 0.34 ? 9  DA A C6     1 
ATOM   307 N N6     . DA A 1 9  ? 5.461   -9.587  -1.379  1.00 0.40 ? 9  DA A N6     1 
ATOM   308 N N1     . DA A 1 9  ? 3.485   -9.601  -2.575  1.00 0.33 ? 9  DA A N1     1 
ATOM   309 C C2     . DA A 1 9  ? 2.189   -9.892  -2.667  1.00 0.31 ? 9  DA A C2     1 
ATOM   310 N N3     . DA A 1 9  ? 1.430   -10.465 -1.743  1.00 0.30 ? 9  DA A N3     1 
ATOM   311 C C4     . DA A 1 9  ? 2.137   -10.745 -0.633  1.00 0.31 ? 9  DA A C4     1 
ATOM   312 H "H5'"  . DA A 1 9  ? 0.076   -11.348 4.703   1.00 0.49 ? 9  DA A "H5'"  1 
ATOM   313 H "H5''" . DA A 1 9  ? -0.165  -13.099 4.860   1.00 0.50 ? 9  DA A "H5''" 1 
ATOM   314 H "H4'"  . DA A 1 9  ? -1.640  -12.176 3.143   1.00 0.51 ? 9  DA A "H4'"  1 
ATOM   315 H "H3'"  . DA A 1 9  ? 0.234   -14.280 2.727   1.00 0.43 ? 9  DA A "H3'"  1 
ATOM   316 H "H2'"  . DA A 1 9  ? 1.191   -13.700 0.806   1.00 0.36 ? 9  DA A "H2'"  1 
ATOM   317 H "H2''" . DA A 1 9  ? -0.406  -13.654 0.037   1.00 0.39 ? 9  DA A "H2''" 1 
ATOM   318 H "H1'"  . DA A 1 9  ? -0.357  -11.409 -0.010  1.00 0.37 ? 9  DA A "H1'"  1 
ATOM   319 H H8     . DA A 1 9  ? 2.674   -11.820 2.313   1.00 0.36 ? 9  DA A H8     1 
ATOM   320 H H61    . DA A 1 9  ? 5.923   -9.146  -2.159  1.00 0.43 ? 9  DA A H61    1 
ATOM   321 H H62    . DA A 1 9  ? 5.979   -9.798  -0.539  1.00 0.41 ? 9  DA A H62    1 
ATOM   322 H H2     . DA A 1 9  ? 1.700   -9.632  -3.606  1.00 0.32 ? 9  DA A H2     1 
ATOM   323 P P      . DA A 1 10 ? -1.822  -15.637 1.170   1.00 0.51 ? 10 DA A P      1 
ATOM   324 O OP1    . DA A 1 10 ? -3.176  -16.183 1.389   1.00 0.60 ? 10 DA A OP1    1 
ATOM   325 O OP2    . DA A 1 10 ? -0.639  -16.464 1.476   1.00 0.48 ? 10 DA A OP2    1 
ATOM   326 O "O5'"  . DA A 1 10 ? -1.712  -15.147 -0.356  1.00 0.49 ? 10 DA A "O5'"  1 
ATOM   327 C "C5'"  . DA A 1 10 ? -2.767  -14.409 -0.959  1.00 0.60 ? 10 DA A "C5'"  1 
ATOM   328 C "C4'"  . DA A 1 10 ? -2.580  -14.292 -2.463  1.00 0.61 ? 10 DA A "C4'"  1 
ATOM   329 O "O4'"  . DA A 1 10 ? -1.415  -13.518 -2.785  1.00 0.51 ? 10 DA A "O4'"  1 
ATOM   330 C "C3'"  . DA A 1 10 ? -2.427  -15.655 -3.083  1.00 0.64 ? 10 DA A "C3'"  1 
ATOM   331 O "O3'"  . DA A 1 10 ? -3.455  -15.901 -4.032  1.00 0.80 ? 10 DA A "O3'"  1 
ATOM   332 C "C2'"  . DA A 1 10 ? -1.086  -15.655 -3.740  1.00 0.55 ? 10 DA A "C2'"  1 
ATOM   333 C "C1'"  . DA A 1 10 ? -0.557  -14.247 -3.670  1.00 0.46 ? 10 DA A "C1'"  1 
ATOM   334 N N9     . DA A 1 10 ? 0.821   -14.237 -3.182  1.00 0.37 ? 10 DA A N9     1 
ATOM   335 C C8     . DA A 1 10 ? 1.358   -14.898 -2.138  1.00 0.36 ? 10 DA A C8     1 
ATOM   336 N N7     . DA A 1 10 ? 2.603   -14.715 -1.902  1.00 0.40 ? 10 DA A N7     1 
ATOM   337 C C5     . DA A 1 10 ? 2.951   -13.820 -2.917  1.00 0.39 ? 10 DA A C5     1 
ATOM   338 C C6     . DA A 1 10 ? 4.148   -13.200 -3.261  1.00 0.47 ? 10 DA A C6     1 
ATOM   339 N N6     . DA A 1 10 ? 5.269   -13.387 -2.585  1.00 0.60 ? 10 DA A N6     1 
ATOM   340 N N1     . DA A 1 10 ? 4.143   -12.376 -4.322  1.00 0.45 ? 10 DA A N1     1 
ATOM   341 C C2     . DA A 1 10 ? 3.027   -12.171 -5.005  1.00 0.37 ? 10 DA A C2     1 
ATOM   342 N N3     . DA A 1 10 ? 1.842   -12.703 -4.767  1.00 0.35 ? 10 DA A N3     1 
ATOM   343 C C4     . DA A 1 10 ? 1.872   -13.525 -3.701  1.00 0.34 ? 10 DA A C4     1 
ATOM   344 H "H5'"  . DA A 1 10 ? -2.795  -13.417 -0.530  1.00 0.62 ? 10 DA A "H5'"  1 
ATOM   345 H "H5''" . DA A 1 10 ? -3.705  -14.909 -0.750  1.00 0.69 ? 10 DA A "H5''" 1 
ATOM   346 H "H4'"  . DA A 1 10 ? -3.442  -13.813 -2.890  1.00 0.72 ? 10 DA A "H4'"  1 
ATOM   347 H "H3'"  . DA A 1 10 ? -2.452  -16.409 -2.306  1.00 0.64 ? 10 DA A "H3'"  1 
ATOM   348 H "H2'"  . DA A 1 10 ? -0.427  -16.326 -3.203  1.00 0.52 ? 10 DA A "H2'"  1 
ATOM   349 H "H2''" . DA A 1 10 ? -1.174  -15.963 -4.771  1.00 0.63 ? 10 DA A "H2''" 1 
ATOM   350 H "H1'"  . DA A 1 10 ? -0.588  -13.797 -4.658  1.00 0.49 ? 10 DA A "H1'"  1 
ATOM   351 H H8     . DA A 1 10 ? 0.761   -15.572 -1.528  1.00 0.39 ? 10 DA A H8     1 
ATOM   352 H H61    . DA A 1 10 ? 6.108   -12.916 -2.874  1.00 0.68 ? 10 DA A H61    1 
ATOM   353 H H62    . DA A 1 10 ? 5.279   -14.000 -1.784  1.00 0.62 ? 10 DA A H62    1 
ATOM   354 H H2     . DA A 1 10 ? 3.095   -11.492 -5.854  1.00 0.38 ? 10 DA A H2     1 
ATOM   355 P P      . DG A 1 11 ? -3.624  -17.332 -4.687  1.00 0.98 ? 11 DG A P      1 
ATOM   356 O OP1    . DG A 1 11 ? -4.988  -17.429 -5.222  1.00 1.14 ? 11 DG A OP1    1 
ATOM   357 O OP2    . DG A 1 11 ? -3.137  -18.333 -3.738  1.00 0.96 ? 11 DG A OP2    1 
ATOM   358 O "O5'"  . DG A 1 11 ? -2.605  -17.270 -5.905  1.00 1.07 ? 11 DG A "O5'"  1 
ATOM   359 C "C5'"  . DG A 1 11 ? -2.950  -16.579 -7.075  1.00 1.25 ? 11 DG A "C5'"  1 
ATOM   360 C "C4'"  . DG A 1 11 ? -1.807  -16.552 -8.070  1.00 1.33 ? 11 DG A "C4'"  1 
ATOM   361 O "O4'"  . DG A 1 11 ? -0.668  -15.875 -7.550  1.00 1.14 ? 11 DG A "O4'"  1 
ATOM   362 C "C3'"  . DG A 1 11 ? -1.376  -17.936 -8.442  1.00 1.45 ? 11 DG A "C3'"  1 
ATOM   363 O "O3'"  . DG A 1 11 ? -1.670  -18.204 -9.791  1.00 1.69 ? 11 DG A "O3'"  1 
ATOM   364 C "C2'"  . DG A 1 11 ? 0.099   -17.975 -8.204  1.00 1.37 ? 11 DG A "C2'"  1 
ATOM   365 C "C1'"  . DG A 1 11 ? 0.521   -16.595 -7.829  1.00 1.18 ? 11 DG A "C1'"  1 
ATOM   366 N N9     . DG A 1 11 ? 1.403   -16.606 -6.683  1.00 0.98 ? 11 DG A N9     1 
ATOM   367 C C8     . DG A 1 11 ? 1.156   -17.011 -5.429  1.00 0.88 ? 11 DG A C8     1 
ATOM   368 N N7     . DG A 1 11 ? 2.103   -16.910 -4.594  1.00 0.77 ? 11 DG A N7     1 
ATOM   369 C C5     . DG A 1 11 ? 3.120   -16.367 -5.379  1.00 0.78 ? 11 DG A C5     1 
ATOM   370 C C6     . DG A 1 11 ? 4.434   -16.015 -5.043  1.00 0.76 ? 11 DG A C6     1 
ATOM   371 O O6     . DG A 1 11 ? 4.971   -16.105 -3.966  1.00 0.79 ? 11 DG A O6     1 
ATOM   372 N N1     . DG A 1 11 ? 5.132   -15.506 -6.123  1.00 0.79 ? 11 DG A N1     1 
ATOM   373 C C2     . DG A 1 11 ? 4.633   -15.351 -7.375  1.00 0.86 ? 11 DG A C2     1 
ATOM   374 N N2     . DG A 1 11 ? 5.459   -14.844 -8.286  1.00 0.91 ? 11 DG A N2     1 
ATOM   375 N N3     . DG A 1 11 ? 3.398   -15.680 -7.699  1.00 0.94 ? 11 DG A N3     1 
ATOM   376 C C4     . DG A 1 11 ? 2.699   -16.179 -6.661  1.00 0.89 ? 11 DG A C4     1 
ATOM   377 H "H5'"  . DG A 1 11 ? -3.217  -15.576 -6.822  1.00 1.20 ? 11 DG A "H5'"  1 
ATOM   378 H "H5''" . DG A 1 11 ? -3.805  -17.056 -7.516  1.00 1.41 ? 11 DG A "H5''" 1 
ATOM   379 H "H4'"  . DG A 1 11 ? -2.129  -16.043 -8.951  1.00 1.48 ? 11 DG A "H4'"  1 
ATOM   380 H "H3'"  . DG A 1 11 ? -1.878  -18.654 -7.803  1.00 1.44 ? 11 DG A "H3'"  1 
ATOM   381 H "HO3'" . DG A 1 11 ? -1.565  -17.791 -10.171 1.00 2.00 ? 11 DG A "HO3'" 1 
ATOM   382 H "H2'"  . DG A 1 11 ? 0.309   -18.652 -7.406  1.00 1.32 ? 11 DG A "H2'"  1 
ATOM   383 H "H2''" . DG A 1 11 ? 0.619   -18.275 -9.092  1.00 1.54 ? 11 DG A "H2''" 1 
ATOM   384 H "H1'"  . DG A 1 11 ? 1.040   -16.136 -8.654  1.00 1.28 ? 11 DG A "H1'"  1 
ATOM   385 H H8     . DG A 1 11 ? 0.190   -17.407 -5.139  1.00 0.92 ? 11 DG A H8     1 
ATOM   386 H H1     . DG A 1 11 ? 6.079   -15.239 -5.957  1.00 0.80 ? 11 DG A H1     1 
ATOM   387 H H21    . DG A 1 11 ? 6.395   -14.602 -8.044  1.00 0.88 ? 11 DG A H21    1 
ATOM   388 H H22    . DG A 1 11 ? 5.150   -14.707 -9.220  1.00 1.01 ? 11 DG A H22    1 
ATOM   389 O "O5'"  . DC B 2 1  ? 13.322  -15.452 -5.405  1.00 1.65 ? 12 DC B "O5'"  1 
ATOM   390 C "C5'"  . DC B 2 1  ? 13.812  -15.635 -6.728  1.00 1.69 ? 12 DC B "C5'"  1 
ATOM   391 C "C4'"  . DC B 2 1  ? 12.939  -14.949 -7.752  1.00 1.49 ? 12 DC B "C4'"  1 
ATOM   392 O "O4'"  . DC B 2 1  ? 11.609  -15.468 -7.694  1.00 1.38 ? 12 DC B "O4'"  1 
ATOM   393 C "C3'"  . DC B 2 1  ? 12.880  -13.471 -7.498  1.00 1.37 ? 12 DC B "C3'"  1 
ATOM   394 O "O3'"  . DC B 2 1  ? 13.487  -12.746 -8.566  1.00 1.37 ? 12 DC B "O3'"  1 
ATOM   395 C "C2'"  . DC B 2 1  ? 11.437  -13.136 -7.369  1.00 1.16 ? 12 DC B "C2'"  1 
ATOM   396 C "C1'"  . DC B 2 1  ? 10.674  -14.418 -7.467  1.00 1.17 ? 12 DC B "C1'"  1 
ATOM   397 N N1     . DC B 2 1  ? 9.896   -14.670 -6.245  1.00 1.11 ? 12 DC B N1     1 
ATOM   398 C C2     . DC B 2 1  ? 8.533   -14.810 -6.368  1.00 0.99 ? 12 DC B C2     1 
ATOM   399 O O2     . DC B 2 1  ? 8.005   -14.707 -7.462  1.00 0.96 ? 12 DC B O2     1 
ATOM   400 N N3     . DC B 2 1  ? 7.807   -15.055 -5.251  1.00 0.95 ? 12 DC B N3     1 
ATOM   401 C C4     . DC B 2 1  ? 8.391   -15.157 -4.062  1.00 1.02 ? 12 DC B C4     1 
ATOM   402 N N4     . DC B 2 1  ? 7.646   -15.402 -2.989  1.00 0.99 ? 12 DC B N4     1 
ATOM   403 C C5     . DC B 2 1  ? 9.796   -15.011 -3.931  1.00 1.15 ? 12 DC B C5     1 
ATOM   404 C C6     . DC B 2 1  ? 10.505  -14.768 -5.044  1.00 1.19 ? 12 DC B C6     1 
ATOM   405 H "H5'"  . DC B 2 1  ? 13.842  -16.688 -6.944  1.00 1.79 ? 12 DC B "H5'"  1 
ATOM   406 H "H5''" . DC B 2 1  ? 14.812  -15.231 -6.798  1.00 1.77 ? 12 DC B "H5''" 1 
ATOM   407 H "H4'"  . DC B 2 1  ? 13.345  -15.116 -8.741  1.00 1.54 ? 12 DC B "H4'"  1 
ATOM   408 H "H3'"  . DC B 2 1  ? 13.371  -13.248 -6.567  1.00 1.45 ? 12 DC B "H3'"  1 
ATOM   409 H "H2'"  . DC B 2 1  ? 11.253  -12.673 -6.413  1.00 1.12 ? 12 DC B "H2'"  1 
ATOM   410 H "H2''" . DC B 2 1  ? 11.144  -12.474 -8.170  1.00 1.08 ? 12 DC B "H2''" 1 
ATOM   411 H "H1'"  . DC B 2 1  ? 10.011  -14.351 -8.302  1.00 1.10 ? 12 DC B "H1'"  1 
ATOM   412 H H41    . DC B 2 1  ? 6.653   -15.507 -3.081  1.00 0.91 ? 12 DC B H41    1 
ATOM   413 H H42    . DC B 2 1  ? 8.074   -15.484 -2.087  1.00 1.06 ? 12 DC B H42    1 
ATOM   414 H H5     . DC B 2 1  ? 10.276  -15.091 -2.964  1.00 1.24 ? 12 DC B H5     1 
ATOM   415 H H6     . DC B 2 1  ? 11.576  -14.640 -4.986  1.00 1.30 ? 12 DC B H6     1 
ATOM   416 H "HO5'" . DC B 2 1  ? 13.634  -15.516 -5.004  1.00 2.09 ? 12 DC B "HO5'" 1 
ATOM   417 P P      . DT B 2 2  ? 13.482  -11.152 -8.574  1.00 1.30 ? 13 DT B P      1 
ATOM   418 O OP1    . DT B 2 2  ? 14.347  -10.694 -9.674  1.00 1.38 ? 13 DT B OP1    1 
ATOM   419 O OP2    . DT B 2 2  ? 13.721  -10.686 -7.201  1.00 1.37 ? 13 DT B OP2    1 
ATOM   420 O "O5'"  . DT B 2 2  ? 11.973  -10.817 -8.955  1.00 1.06 ? 13 DT B "O5'"  1 
ATOM   421 C "C5'"  . DT B 2 2  ? 11.485  -11.088 -10.262 1.00 0.99 ? 13 DT B "C5'"  1 
ATOM   422 C "C4'"  . DT B 2 2  ? 10.021  -10.732 -10.397 1.00 0.80 ? 13 DT B "C4'"  1 
ATOM   423 O "O4'"  . DT B 2 2  ? 9.208   -11.530 -9.521  1.00 0.76 ? 13 DT B "O4'"  1 
ATOM   424 C "C3'"  . DT B 2 2  ? 9.783   -9.279  -10.058 1.00 0.75 ? 13 DT B "C3'"  1 
ATOM   425 O "O3'"  . DT B 2 2  ? 9.422   -8.540  -11.226 1.00 0.70 ? 13 DT B "O3'"  1 
ATOM   426 C "C2'"  . DT B 2 2  ? 8.688   -9.279  -9.035  1.00 0.65 ? 13 DT B "C2'"  1 
ATOM   427 C "C1'"  . DT B 2 2  ? 8.233   -10.705 -8.879  1.00 0.63 ? 13 DT B "C1'"  1 
ATOM   428 N N1     . DT B 2 2  ? 8.079   -11.070 -7.462  1.00 0.65 ? 13 DT B N1     1 
ATOM   429 C C2     . DT B 2 2  ? 6.822   -11.425 -7.016  1.00 0.55 ? 13 DT B C2     1 
ATOM   430 O O2     . DT B 2 2  ? 5.855   -11.462 -7.760  1.00 0.46 ? 13 DT B O2     1 
ATOM   431 N N3     . DT B 2 2  ? 6.718   -11.749 -5.681  1.00 0.59 ? 13 DT B N3     1 
ATOM   432 C C4     . DT B 2 2  ? 7.743   -11.750 -4.769  1.00 0.73 ? 13 DT B C4     1 
ATOM   433 O O4     . DT B 2 2  ? 7.534   -12.059 -3.602  1.00 0.77 ? 13 DT B O4     1 
ATOM   434 C C5     . DT B 2 2  ? 9.018   -11.368 -5.323  1.00 0.82 ? 13 DT B C5     1 
ATOM   435 C C7     . DT B 2 2  ? 10.234  -11.321 -4.420  1.00 0.99 ? 13 DT B C7     1 
ATOM   436 C C6     . DT B 2 2  ? 9.145   -11.047 -6.624  1.00 0.78 ? 13 DT B C6     1 
ATOM   437 H "H5'"  . DT B 2 2  ? 11.610  -12.142 -10.474 1.00 1.05 ? 13 DT B "H5'"  1 
ATOM   438 H "H5''" . DT B 2 2  ? 12.058  -10.514 -10.983 1.00 1.02 ? 13 DT B "H5''" 1 
ATOM   439 H "H4'"  . DT B 2 2  ? 9.714   -10.906 -11.417 1.00 0.78 ? 13 DT B "H4'"  1 
ATOM   440 H "H3'"  . DT B 2 2  ? 10.675  -8.862  -9.616  1.00 0.85 ? 13 DT B "H3'"  1 
ATOM   441 H "H2'"  . DT B 2 2  ? 9.063   -8.906  -8.091  1.00 0.71 ? 13 DT B "H2'"  1 
ATOM   442 H "H2''" . DT B 2 2  ? 7.867   -8.667  -9.376  1.00 0.58 ? 13 DT B "H2''" 1 
ATOM   443 H "H1'"  . DT B 2 2  ? 7.285   -10.815 -9.380  1.00 0.55 ? 13 DT B "H1'"  1 
ATOM   444 H H3     . DT B 2 2  ? 5.807   -12.003 -5.339  1.00 0.53 ? 13 DT B H3     1 
ATOM   445 H H71    . DT B 2 2  ? 10.495  -11.291 -4.236  1.00 1.69 ? 13 DT B H71    1 
ATOM   446 H H72    . DT B 2 2  ? 10.566  -11.328 -4.185  1.00 1.22 ? 13 DT B H72    1 
ATOM   447 H H73    . DT B 2 2  ? 10.510  -11.311 -4.192  1.00 1.42 ? 13 DT B H73    1 
ATOM   448 H H6     . DT B 2 2  ? 10.119  -10.772 -7.020  1.00 0.86 ? 13 DT B H6     1 
ATOM   449 P P      . DT B 2 3  ? 8.794   -7.069  -11.116 1.00 0.68 ? 14 DT B P      1 
ATOM   450 O OP1    . DT B 2 3  ? 8.787   -6.471  -12.464 1.00 0.71 ? 14 DT B OP1    1 
ATOM   451 O OP2    . DT B 2 3  ? 9.450   -6.364  -10.002 1.00 0.76 ? 14 DT B OP2    1 
ATOM   452 O "O5'"  . DT B 2 3  ? 7.278   -7.374  -10.688 1.00 0.58 ? 14 DT B "O5'"  1 
ATOM   453 C "C5'"  . DT B 2 3  ? 6.455   -8.209  -11.500 1.00 0.53 ? 14 DT B "C5'"  1 
ATOM   454 C "C4'"  . DT B 2 3  ? 5.148   -8.566  -10.807 1.00 0.46 ? 14 DT B "C4'"  1 
ATOM   455 O "O4'"  . DT B 2 3  ? 5.386   -9.260  -9.564  1.00 0.44 ? 14 DT B "O4'"  1 
ATOM   456 C "C3'"  . DT B 2 3  ? 4.334   -7.320  -10.492 1.00 0.45 ? 14 DT B "C3'"  1 
ATOM   457 O "O3'"  . DT B 2 3  ? 3.147   -7.269  -11.290 1.00 0.46 ? 14 DT B "O3'"  1 
ATOM   458 C "C2'"  . DT B 2 3  ? 4.001   -7.423  -9.028  1.00 0.42 ? 14 DT B "C2'"  1 
ATOM   459 C "C1'"  . DT B 2 3  ? 4.469   -8.779  -8.568  1.00 0.39 ? 14 DT B "C1'"  1 
ATOM   460 N N1     . DT B 2 3  ? 5.096   -8.688  -7.242  1.00 0.41 ? 14 DT B N1     1 
ATOM   461 C C2     . DT B 2 3  ? 4.359   -9.095  -6.147  1.00 0.37 ? 14 DT B C2     1 
ATOM   462 O O2     . DT B 2 3  ? 3.220   -9.532  -6.248  1.00 0.31 ? 14 DT B O2     1 
ATOM   463 N N3     . DT B 2 3  ? 4.979   -8.971  -4.924  1.00 0.42 ? 14 DT B N3     1 
ATOM   464 C C4     . DT B 2 3  ? 6.250   -8.485  -4.705  1.00 0.51 ? 14 DT B C4     1 
ATOM   465 O O4     . DT B 2 3  ? 6.704   -8.426  -3.570  1.00 0.56 ? 14 DT B O4     1 
ATOM   466 C C5     . DT B 2 3  ? 6.939   -8.085  -5.910  1.00 0.55 ? 14 DT B C5     1 
ATOM   467 C C7     . DT B 2 3  ? 8.348   -7.517  -5.813  1.00 0.66 ? 14 DT B C7     1 
ATOM   468 C C6     . DT B 2 3  ? 6.350   -8.199  -7.114  1.00 0.50 ? 14 DT B C6     1 
ATOM   469 H "H5'"  . DT B 2 3  ? 6.997   -9.125  -11.725 1.00 0.55 ? 14 DT B "H5'"  1 
ATOM   470 H "H5''" . DT B 2 3  ? 6.236   -7.693  -12.433 1.00 0.56 ? 14 DT B "H5''" 1 
ATOM   471 H "H4'"  . DT B 2 3  ? 4.568   -9.209  -11.461 1.00 0.45 ? 14 DT B "H4'"  1 
ATOM   472 H "H3'"  . DT B 2 3  ? 4.940   -6.432  -10.666 1.00 0.49 ? 14 DT B "H3'"  1 
ATOM   473 H "H2'"  . DT B 2 3  ? 4.518   -6.643  -8.476  1.00 0.46 ? 14 DT B "H2'"  1 
ATOM   474 H "H2''" . DT B 2 3  ? 2.937   -7.337  -8.879  1.00 0.41 ? 14 DT B "H2''" 1 
ATOM   475 H "H1'"  . DT B 2 3  ? 3.625   -9.450  -8.513  1.00 0.35 ? 14 DT B "H1'"  1 
ATOM   476 H H3     . DT B 2 3  ? 4.454   -9.260  -4.113  1.00 0.39 ? 14 DT B H3     1 
ATOM   477 H H71    . DT B 2 3  ? 8.715   -7.367  -5.774  1.00 1.03 ? 14 DT B H71    1 
ATOM   478 H H72    . DT B 2 3  ? 8.656   -7.379  -5.797  1.00 1.37 ? 14 DT B H72    1 
ATOM   479 H H73    . DT B 2 3  ? 8.678   -7.397  -5.796  1.00 1.28 ? 14 DT B H73    1 
ATOM   480 H H6     . DT B 2 3  ? 6.881   -7.899  -8.010  1.00 0.53 ? 14 DT B H6     1 
ATOM   481 P P      . DC B 2 4  ? 2.009   -6.163  -11.018 1.00 0.48 ? 15 DC B P      1 
ATOM   482 O OP1    . DC B 2 4  ? 1.061   -6.190  -12.149 1.00 0.53 ? 15 DC B OP1    1 
ATOM   483 O OP2    . DC B 2 4  ? 2.671   -4.897  -10.646 1.00 0.51 ? 15 DC B OP2    1 
ATOM   484 O "O5'"  . DC B 2 4  ? 1.255   -6.739  -9.715  1.00 0.44 ? 15 DC B "O5'"  1 
ATOM   485 C "C5'"  . DC B 2 4  ? 0.656   -8.038  -9.739  1.00 0.43 ? 15 DC B "C5'"  1 
ATOM   486 C "C4'"  . DC B 2 4  ? -0.387  -8.212  -8.641  1.00 0.40 ? 15 DC B "C4'"  1 
ATOM   487 O "O4'"  . DC B 2 4  ? 0.247   -8.425  -7.363  1.00 0.38 ? 15 DC B "O4'"  1 
ATOM   488 C "C3'"  . DC B 2 4  ? -1.272  -6.991  -8.543  1.00 0.40 ? 15 DC B "C3'"  1 
ATOM   489 O "O3'"  . DC B 2 4  ? -2.656  -7.373  -8.564  1.00 0.40 ? 15 DC B "O3'"  1 
ATOM   490 C "C2'"  . DC B 2 4  ? -0.891  -6.338  -7.243  1.00 0.38 ? 15 DC B "C2'"  1 
ATOM   491 C "C1'"  . DC B 2 4  ? -0.100  -7.368  -6.455  1.00 0.37 ? 15 DC B "C1'"  1 
ATOM   492 N N1     . DC B 2 4  ? 1.116   -6.775  -5.868  1.00 0.37 ? 15 DC B N1     1 
ATOM   493 C C2     . DC B 2 4  ? 1.300   -6.894  -4.498  1.00 0.36 ? 15 DC B C2     1 
ATOM   494 O O2     . DC B 2 4  ? 0.458   -7.458  -3.804  1.00 0.35 ? 15 DC B O2     1 
ATOM   495 N N3     . DC B 2 4  ? 2.426   -6.365  -3.952  1.00 0.37 ? 15 DC B N3     1 
ATOM   496 C C4     . DC B 2 4  ? 3.333   -5.742  -4.714  1.00 0.38 ? 15 DC B C4     1 
ATOM   497 N N4     . DC B 2 4  ? 4.424   -5.233  -4.143  1.00 0.40 ? 15 DC B N4     1 
ATOM   498 C C5     . DC B 2 4  ? 3.145   -5.615  -6.126  1.00 0.39 ? 15 DC B C5     1 
ATOM   499 C C6     . DC B 2 4  ? 2.029   -6.143  -6.656  1.00 0.38 ? 15 DC B C6     1 
ATOM   500 H "H5'"  . DC B 2 4  ? 1.434   -8.780  -9.598  1.00 0.42 ? 15 DC B "H5'"  1 
ATOM   501 H "H5''" . DC B 2 4  ? 0.182   -8.192  -10.707 1.00 0.46 ? 15 DC B "H5''" 1 
ATOM   502 H "H4'"  . DC B 2 4  ? -1.008  -9.067  -8.869  1.00 0.41 ? 15 DC B "H4'"  1 
ATOM   503 H "H3'"  . DC B 2 4  ? -1.058  -6.317  -9.372  1.00 0.41 ? 15 DC B "H3'"  1 
ATOM   504 H "H2'"  . DC B 2 4  ? -0.269  -5.468  -7.447  1.00 0.39 ? 15 DC B "H2'"  1 
ATOM   505 H "H2''" . DC B 2 4  ? -1.780  -6.042  -6.691  1.00 0.39 ? 15 DC B "H2''" 1 
ATOM   506 H "H1'"  . DC B 2 4  ? -0.726  -7.769  -5.657  1.00 0.36 ? 15 DC B "H1'"  1 
ATOM   507 H H41    . DC B 2 4  ? 4.559   -5.322  -3.146  1.00 0.40 ? 15 DC B H41    1 
ATOM   508 H H42    . DC B 2 4  ? 5.115   -4.758  -4.706  1.00 0.41 ? 15 DC B H42    1 
ATOM   509 H H5     . DC B 2 4  ? 3.876   -5.107  -6.751  1.00 0.41 ? 15 DC B H5     1 
ATOM   510 H H6     . DC B 2 4  ? 1.843   -6.050  -7.724  1.00 0.40 ? 15 DC B H6     1 
ATOM   511 P P      . DT B 2 5  ? -3.815  -6.349  -8.121  1.00 0.39 ? 16 DT B P      1 
ATOM   512 O OP1    . DT B 2 5  ? -5.100  -6.837  -8.668  1.00 0.40 ? 16 DT B OP1    1 
ATOM   513 O OP2    . DT B 2 5  ? -3.362  -4.971  -8.420  1.00 0.39 ? 16 DT B OP2    1 
ATOM   514 O "O5'"  . DT B 2 5  ? -3.837  -6.538  -6.526  1.00 0.39 ? 16 DT B "O5'"  1 
ATOM   515 C "C5'"  . DT B 2 5  ? -4.507  -7.658  -5.939  1.00 0.40 ? 16 DT B "C5'"  1 
ATOM   516 C "C4'"  . DT B 2 5  ? -4.735  -7.454  -4.449  1.00 0.40 ? 16 DT B "C4'"  1 
ATOM   517 O "O4'"  . DT B 2 5  ? -3.478  -7.304  -3.747  1.00 0.41 ? 16 DT B "O4'"  1 
ATOM   518 C "C3'"  . DT B 2 5  ? -5.551  -6.191  -4.217  1.00 0.39 ? 16 DT B "C3'"  1 
ATOM   519 O "O3'"  . DT B 2 5  ? -6.660  -6.451  -3.349  1.00 0.39 ? 16 DT B "O3'"  1 
ATOM   520 C "C2'"  . DT B 2 5  ? -4.584  -5.221  -3.610  1.00 0.38 ? 16 DT B "C2'"  1 
ATOM   521 C "C1'"  . DT B 2 5  ? -3.506  -6.079  -2.989  1.00 0.40 ? 16 DT B "C1'"  1 
ATOM   522 N N1     . DT B 2 5  ? -2.190  -5.397  -2.992  1.00 0.39 ? 16 DT B N1     1 
ATOM   523 C C2     . DT B 2 5  ? -1.563  -5.215  -1.769  1.00 0.40 ? 16 DT B C2     1 
ATOM   524 O O2     . DT B 2 5  ? -2.039  -5.636  -0.718  1.00 0.40 ? 16 DT B O2     1 
ATOM   525 N N3     . DT B 2 5  ? -0.362  -4.531  -1.797  1.00 0.40 ? 16 DT B N3     1 
ATOM   526 C C4     . DT B 2 5  ? 0.257   -4.019  -2.922  1.00 0.39 ? 16 DT B C4     1 
ATOM   527 O O4     . DT B 2 5  ? 1.319   -3.410  -2.825  1.00 0.40 ? 16 DT B O4     1 
ATOM   528 C C5     . DT B 2 5  ? -0.464  -4.258  -4.151  1.00 0.40 ? 16 DT B C5     1 
ATOM   529 C C7     . DT B 2 5  ? 0.105   -3.725  -5.464  1.00 0.41 ? 16 DT B C7     1 
ATOM   530 C C6     . DT B 2 5  ? -1.636  -4.927  -4.154  1.00 0.39 ? 16 DT B C6     1 
ATOM   531 H "H5'"  . DT B 2 5  ? -3.910  -8.558  -6.093  1.00 0.42 ? 16 DT B "H5'"  1 
ATOM   532 H "H5''" . DT B 2 5  ? -5.470  -7.781  -6.425  1.00 0.40 ? 16 DT B "H5''" 1 
ATOM   533 H "H4'"  . DT B 2 5  ? -5.273  -8.311  -4.046  1.00 0.41 ? 16 DT B "H4'"  1 
ATOM   534 H "H3'"  . DT B 2 5  ? -5.903  -5.804  -5.168  1.00 0.38 ? 16 DT B "H3'"  1 
ATOM   535 H "H2'"  . DT B 2 5  ? -4.158  -4.607  -4.397  1.00 0.38 ? 16 DT B "H2'"  1 
ATOM   536 H "H2''" . DT B 2 5  ? -5.068  -4.594  -2.860  1.00 0.38 ? 16 DT B "H2''" 1 
ATOM   537 H "H1'"  . DT B 2 5  ? -3.794  -6.306  -1.967  1.00 0.40 ? 16 DT B "H1'"  1 
ATOM   538 H H3     . DT B 2 5  ? 0.108   -4.391  -0.916  1.00 0.40 ? 16 DT B H3     1 
ATOM   539 H H71    . DT B 2 5  ? 0.071   -4.176  -6.070  1.00 1.01 ? 16 DT B H71    1 
ATOM   540 H H72    . DT B 2 5  ? 0.855   -3.527  -5.503  1.00 0.84 ? 16 DT B H72    1 
ATOM   541 H H73    . DT B 2 5  ? -0.199  -3.090  -5.755  1.00 0.76 ? 16 DT B H73    1 
ATOM   542 H H6     . DT B 2 5  ? -2.141  -5.120  -5.102  1.00 0.40 ? 16 DT B H6     1 
ATOM   543 P P      . DT B 2 6  ? -7.642  -5.262  -2.880  1.00 0.38 ? 17 DT B P      1 
ATOM   544 O OP1    . DT B 2 6  ? -8.945  -5.857  -2.510  1.00 0.39 ? 17 DT B OP1    1 
ATOM   545 O OP2    . DT B 2 6  ? -7.583  -4.181  -3.887  1.00 0.36 ? 17 DT B OP2    1 
ATOM   546 O "O5'"  . DT B 2 6  ? -6.925  -4.741  -1.538  1.00 0.39 ? 17 DT B "O5'"  1 
ATOM   547 C "C5'"  . DT B 2 6  ? -6.783  -5.612  -0.413  1.00 0.41 ? 17 DT B "C5'"  1 
ATOM   548 C "C4'"  . DT B 2 6  ? -5.942  -4.981  0.690   1.00 0.41 ? 17 DT B "C4'"  1 
ATOM   549 O "O4'"  . DT B 2 6  ? -4.591  -4.723  0.232   1.00 0.40 ? 17 DT B "O4'"  1 
ATOM   550 C "C3'"  . DT B 2 6  ? -6.542  -3.650  1.138   1.00 0.40 ? 17 DT B "C3'"  1 
ATOM   551 O "O3'"  . DT B 2 6  ? -6.751  -3.646  2.559   1.00 0.41 ? 17 DT B "O3'"  1 
ATOM   552 C "C2'"  . DT B 2 6  ? -5.522  -2.617  0.737   1.00 0.38 ? 17 DT B "C2'"  1 
ATOM   553 C "C1'"  . DT B 2 6  ? -4.223  -3.385  0.608   1.00 0.39 ? 17 DT B "C1'"  1 
ATOM   554 N N1     . DT B 2 6  ? -3.291  -2.770  -0.365  1.00 0.39 ? 17 DT B N1     1 
ATOM   555 C C2     . DT B 2 6  ? -1.988  -2.586  0.059   1.00 0.39 ? 17 DT B C2     1 
ATOM   556 O O2     . DT B 2 6  ? -1.614  -2.896  1.188   1.00 0.40 ? 17 DT B O2     1 
ATOM   557 N N3     . DT B 2 6  ? -1.123  -2.029  -0.855  1.00 0.39 ? 17 DT B N3     1 
ATOM   558 C C4     . DT B 2 6  ? -1.437  -1.639  -2.142  1.00 0.39 ? 17 DT B C4     1 
ATOM   559 O O4     . DT B 2 6  ? -0.575  -1.160  -2.875  1.00 0.40 ? 17 DT B O4     1 
ATOM   560 C C5     . DT B 2 6  ? -2.819  -1.861  -2.506  1.00 0.39 ? 17 DT B C5     1 
ATOM   561 C C7     . DT B 2 6  ? -3.296  -1.464  -3.905  1.00 0.39 ? 17 DT B C7     1 
ATOM   562 C C6     . DT B 2 6  ? -3.690  -2.409  -1.628  1.00 0.38 ? 17 DT B C6     1 
ATOM   563 H "H5'"  . DT B 2 6  ? -6.305  -6.537  -0.738  1.00 0.42 ? 17 DT B "H5'"  1 
ATOM   564 H "H5''" . DT B 2 6  ? -7.771  -5.843  -0.018  1.00 0.42 ? 17 DT B "H5''" 1 
ATOM   565 H "H4'"  . DT B 2 6  ? -5.904  -5.659  1.541   1.00 0.42 ? 17 DT B "H4'"  1 
ATOM   566 H "H3'"  . DT B 2 6  ? -7.483  -3.468  0.614   1.00 0.39 ? 17 DT B "H3'"  1 
ATOM   567 H "H2'"  . DT B 2 6  ? -5.800  -2.180  -0.218  1.00 0.37 ? 17 DT B "H2'"  1 
ATOM   568 H "H2''" . DT B 2 6  ? -5.436  -1.843  1.489   1.00 0.37 ? 17 DT B "H2''" 1 
ATOM   569 H "H1'"  . DT B 2 6  ? -3.738  -3.421  1.587   1.00 0.39 ? 17 DT B "H1'"  1 
ATOM   570 H H3     . DT B 2 6  ? -0.170  -1.905  -0.556  1.00 0.40 ? 17 DT B H3     1 
ATOM   571 H H71    . DT B 2 6  ? -3.812  -1.118  -4.031  1.00 1.03 ? 17 DT B H71    1 
ATOM   572 H H72    . DT B 2 6  ? -3.453  -1.866  -4.369  1.00 1.02 ? 17 DT B H72    1 
ATOM   573 H H73    . DT B 2 6  ? -2.962  -1.119  -4.314  1.00 0.85 ? 17 DT B H73    1 
ATOM   574 H H6     . DT B 2 6  ? -4.728  -2.559  -1.926  1.00 0.38 ? 17 DT B H6     1 
ATOM   575 P P      . DG B 2 7  ? -7.393  -2.823  3.336   1.00 0.99 ? 18 DG B P      1 
ATOM   576 O OP1    . DG B 2 7  ? -8.386  -2.988  3.071   1.00 1.78 ? 18 DG B OP1    1 
ATOM   577 O OP2    . DG B 2 7  ? -6.949  -1.914  3.041   1.00 1.67 ? 18 DG B OP2    1 
ATOM   578 O "O5'"  . DG B 2 7  ? -7.289  -3.022  4.876   1.00 0.63 ? 18 DG B "O5'"  1 
ATOM   579 C "C5'"  . DG B 2 7  ? -7.604  -1.969  5.764   1.00 0.55 ? 18 DG B "C5'"  1 
ATOM   580 C "C4'"  . DG B 2 7  ? -6.357  -1.245  6.251   1.00 0.48 ? 18 DG B "C4'"  1 
ATOM   581 O "O4'"  . DG B 2 7  ? -5.646  -0.652  5.142   1.00 0.45 ? 18 DG B "O4'"  1 
ATOM   582 C "C3'"  . DG B 2 7  ? -6.718  -0.135  7.224   1.00 0.44 ? 18 DG B "C3'"  1 
ATOM   583 O "O3'"  . DG B 2 7  ? -6.125  -0.355  8.509   1.00 0.45 ? 18 DG B "O3'"  1 
ATOM   584 C "C2'"  . DG B 2 7  ? -6.200  1.122   6.600   1.00 0.39 ? 18 DG B "C2'"  1 
ATOM   585 C "C1'"  . DG B 2 7  ? -5.310  0.707   5.460   1.00 0.40 ? 18 DG B "C1'"  1 
ATOM   586 N N9     . DG B 2 7  ? -5.519  1.600   4.315   1.00 0.39 ? 18 DG B N9     1 
ATOM   587 C C8     . DG B 2 7  ? -6.658  1.895   3.650   1.00 0.39 ? 18 DG B C8     1 
ATOM   588 N N7     . DG B 2 7  ? -6.566  2.685   2.629   1.00 0.39 ? 18 DG B N7     1 
ATOM   589 C C5     . DG B 2 7  ? -5.192  2.956   2.606   1.00 0.39 ? 18 DG B C5     1 
ATOM   590 C C6     . DG B 2 7  ? -4.428  3.755   1.714   1.00 0.39 ? 18 DG B C6     1 
ATOM   591 O O6     . DG B 2 7  ? -4.807  4.394   0.732   1.00 0.39 ? 18 DG B O6     1 
ATOM   592 N N1     . DG B 2 7  ? -3.086  3.744   2.055   1.00 0.39 ? 18 DG B N1     1 
ATOM   593 C C2     . DG B 2 7  ? -2.533  3.060   3.118   1.00 0.39 ? 18 DG B C2     1 
ATOM   594 N N2     . DG B 2 7  ? -1.215  3.170   3.278   1.00 0.40 ? 18 DG B N2     1 
ATOM   595 N N3     . DG B 2 7  ? -3.239  2.308   3.955   1.00 0.39 ? 18 DG B N3     1 
ATOM   596 C C4     . DG B 2 7  ? -4.550  2.296   3.644   1.00 0.39 ? 18 DG B C4     1 
ATOM   597 H "H5'"  . DG B 2 7  ? -8.139  -2.382  6.609   1.00 0.52 ? 18 DG B "H5'"  1 
ATOM   598 H "H5''" . DG B 2 7  ? -8.239  -1.262  5.261   1.00 0.65 ? 18 DG B "H5''" 1 
ATOM   599 H "H4'"  . DG B 2 7  ? -5.708  -1.950  6.753   1.00 0.51 ? 18 DG B "H4'"  1 
ATOM   600 H "H3'"  . DG B 2 7  ? -7.799  -0.068  7.313   1.00 0.47 ? 18 DG B "H3'"  1 
ATOM   601 H "H2'"  . DG B 2 7  ? -7.038  1.694   6.216   1.00 0.39 ? 18 DG B "H2'"  1 
ATOM   602 H "H2''" . DG B 2 7  ? -5.640  1.708   7.322   1.00 0.39 ? 18 DG B "H2''" 1 
ATOM   603 H "H1'"  . DG B 2 7  ? -4.260  0.752   5.766   1.00 0.40 ? 18 DG B "H1'"  1 
ATOM   604 H H8     . DG B 2 7  ? -7.617  1.483   3.969   1.00 0.40 ? 18 DG B H8     1 
ATOM   605 H H1     . DG B 2 7  ? -2.485  4.286   1.462   1.00 0.39 ? 18 DG B H1     1 
ATOM   606 H H21    . DG B 2 7  ? -0.677  3.741   2.643   1.00 0.40 ? 18 DG B H21    1 
ATOM   607 H H22    . DG B 2 7  ? -0.754  2.679   4.030   1.00 0.41 ? 18 DG B H22    1 
ATOM   608 P P      . DT B 2 8  ? -6.094  0.814   9.614   1.00 0.44 ? 19 DT B P      1 
ATOM   609 O OP1    . DT B 2 8  ? -5.550  0.250   10.866  1.00 0.50 ? 19 DT B OP1    1 
ATOM   610 O OP2    . DT B 2 8  ? -7.408  1.479   9.622   1.00 0.44 ? 19 DT B OP2    1 
ATOM   611 O "O5'"  . DT B 2 8  ? -5.016  1.847   9.009   1.00 0.45 ? 19 DT B "O5'"  1 
ATOM   612 C "C5'"  . DT B 2 8  ? -3.823  1.865   9.128   1.00 0.70 ? 19 DT B "C5'"  1 
ATOM   613 C "C4'"  . DT B 2 8  ? -2.892  2.969   8.732   1.00 0.50 ? 19 DT B "C4'"  1 
ATOM   614 O "O4'"  . DT B 2 8  ? -2.958  3.226   7.323   1.00 0.42 ? 19 DT B "O4'"  1 
ATOM   615 C "C3'"  . DT B 2 8  ? -3.203  4.246   9.456   1.00 0.36 ? 19 DT B "C3'"  1 
ATOM   616 O "O3'"  . DT B 2 8  ? -2.293  4.438   10.536  1.00 0.37 ? 19 DT B "O3'"  1 
ATOM   617 C "C2'"  . DT B 2 8  ? -3.093  5.332   8.415   1.00 0.29 ? 19 DT B "C2'"  1 
ATOM   618 C "C1'"  . DT B 2 8  ? -2.808  4.640   7.097   1.00 0.35 ? 19 DT B "C1'"  1 
ATOM   619 N N1     . DT B 2 8  ? -3.717  5.105   6.037   1.00 0.33 ? 19 DT B N1     1 
ATOM   620 C C2     . DT B 2 8  ? -3.169  5.821   4.994   1.00 0.34 ? 19 DT B C2     1 
ATOM   621 O O2     . DT B 2 8  ? -1.973  6.102   4.947   1.00 0.35 ? 19 DT B O2     1 
ATOM   622 N N3     . DT B 2 8  ? -4.042  6.213   4.005   1.00 0.33 ? 19 DT B N3     1 
ATOM   623 C C4     . DT B 2 8  ? -5.397  5.957   3.964   1.00 0.33 ? 19 DT B C4     1 
ATOM   624 O O4     . DT B 2 8  ? -6.077  6.358   3.024   1.00 0.33 ? 19 DT B O4     1 
ATOM   625 C C5     . DT B 2 8  ? -5.886  5.204   5.094   1.00 0.32 ? 19 DT B C5     1 
ATOM   626 C C7     . DT B 2 8  ? -7.369  4.841   5.154   1.00 0.33 ? 19 DT B C7     1 
ATOM   627 C C6     . DT B 2 8  ? -5.045  4.811   6.081   1.00 0.32 ? 19 DT B C6     1 
ATOM   628 H "H5'"  . DT B 2 8  ? -3.643  1.192   8.759   1.00 1.31 ? 19 DT B "H5'"  1 
ATOM   629 H "H5''" . DT B 2 8  ? -3.744  1.727   9.894   1.00 1.17 ? 19 DT B "H5''" 1 
ATOM   630 H "H4'"  . DT B 2 8  ? -1.897  2.685   8.989   1.00 0.63 ? 19 DT B "H4'"  1 
ATOM   631 H "H3'"  . DT B 2 8  ? -4.215  4.215   9.824   1.00 0.44 ? 19 DT B "H3'"  1 
ATOM   632 H "H2'"  . DT B 2 8  ? -4.031  5.885   8.351   1.00 0.26 ? 19 DT B "H2'"  1 
ATOM   633 H "H2''" . DT B 2 8  ? -2.278  6.006   8.667   1.00 0.30 ? 19 DT B "H2''" 1 
ATOM   634 H "H1'"  . DT B 2 8  ? -1.783  4.847   6.797   1.00 0.38 ? 19 DT B "H1'"  1 
ATOM   635 H H3     . DT B 2 8  ? -3.654  6.739   3.238   1.00 0.35 ? 19 DT B H3     1 
ATOM   636 H H71    . DT B 2 8  ? -7.765  5.048   5.891   1.00 0.74 ? 19 DT B H71    1 
ATOM   637 H H72    . DT B 2 8  ? -7.539  4.003   5.056   1.00 0.73 ? 19 DT B H72    1 
ATOM   638 H H73    . DT B 2 8  ? -7.866  5.218   4.548   1.00 0.75 ? 19 DT B H73    1 
ATOM   639 H H6     . DT B 2 8  ? -5.426  4.262   6.938   1.00 0.32 ? 19 DT B H6     1 
ATOM   640 P P      . DC B 2 9  ? -2.230  5.829   11.322  1.00 0.43 ? 20 DC B P      1 
ATOM   641 O OP1    . DC B 2 9  ? -1.513  5.603   12.592  1.00 0.51 ? 20 DC B OP1    1 
ATOM   642 O OP2    . DC B 2 9  ? -3.575  6.422   11.331  1.00 0.46 ? 20 DC B OP2    1 
ATOM   643 O "O5'"  . DC B 2 9  ? -1.306  6.723   10.366  1.00 0.45 ? 20 DC B "O5'"  1 
ATOM   644 C "C5'"  . DC B 2 9  ? 0.019   6.308   10.061  1.00 0.52 ? 20 DC B "C5'"  1 
ATOM   645 C "C4'"  . DC B 2 9  ? 0.719   7.301   9.145   1.00 0.57 ? 20 DC B "C4'"  1 
ATOM   646 O "O4'"  . DC B 2 9  ? 0.040   7.401   7.876   1.00 0.50 ? 20 DC B "O4'"  1 
ATOM   647 C "C3'"  . DC B 2 9  ? 0.749   8.679   9.775   1.00 0.62 ? 20 DC B "C3'"  1 
ATOM   648 O "O3'"  . DC B 2 9  ? 2.094   9.113   9.980   1.00 0.75 ? 20 DC B "O3'"  1 
ATOM   649 C "C2'"  . DC B 2 9  ? 0.028   9.585   8.814   1.00 0.56 ? 20 DC B "C2'"  1 
ATOM   650 C "C1'"  . DC B 2 9  ? -0.266  8.775   7.576   1.00 0.49 ? 20 DC B "C1'"  1 
ATOM   651 N N1     . DC B 2 9  ? -1.672  8.923   7.164   1.00 0.39 ? 20 DC B N1     1 
ATOM   652 C C2     . DC B 2 9  ? -1.918  9.383   5.878   1.00 0.36 ? 20 DC B C2     1 
ATOM   653 O O2     . DC B 2 9  ? -0.990  9.682   5.137   1.00 0.41 ? 20 DC B O2     1 
ATOM   654 N N3     . DC B 2 9  ? -3.206  9.504   5.475   1.00 0.29 ? 20 DC B N3     1 
ATOM   655 C C4     . DC B 2 9  ? -4.213  9.190   6.292   1.00 0.28 ? 20 DC B C4     1 
ATOM   656 N N4     . DC B 2 9  ? -5.462  9.321   5.857   1.00 0.28 ? 20 DC B N4     1 
ATOM   657 C C5     . DC B 2 9  ? -3.966  8.718   7.618   1.00 0.31 ? 20 DC B C5     1 
ATOM   658 C C6     . DC B 2 9  ? -2.687  8.602   8.011   1.00 0.36 ? 20 DC B C6     1 
ATOM   659 H "H5'"  . DC B 2 9  ? -0.016  5.342   9.573   1.00 0.52 ? 20 DC B "H5'"  1 
ATOM   660 H "H5''" . DC B 2 9  ? 0.582   6.215   10.986  1.00 0.58 ? 20 DC B "H5''" 1 
ATOM   661 H "H4'"  . DC B 2 9  ? 1.736   6.968   8.976   1.00 0.65 ? 20 DC B "H4'"  1 
ATOM   662 H "H3'"  . DC B 2 9  ? 0.218   8.655   10.724  1.00 0.61 ? 20 DC B "H3'"  1 
ATOM   663 H "H2'"  . DC B 2 9  ? -0.901  9.930   9.261   1.00 0.54 ? 20 DC B "H2'"  1 
ATOM   664 H "H2''" . DC B 2 9  ? 0.661   10.431  8.554   1.00 0.63 ? 20 DC B "H2''" 1 
ATOM   665 H "H1'"  . DC B 2 9  ? 0.374   9.120   6.770   1.00 0.53 ? 20 DC B "H1'"  1 
ATOM   666 H H41    . DC B 2 9  ? -5.637  9.655   4.921   1.00 0.27 ? 20 DC B H41    1 
ATOM   667 H H42    . DC B 2 9  ? -6.232  9.088   6.463   1.00 0.31 ? 20 DC B H42    1 
ATOM   668 H H5     . DC B 2 9  ? -4.784  8.458   8.287   1.00 0.32 ? 20 DC B H5     1 
ATOM   669 H H6     . DC B 2 9  ? -2.459  8.261   9.020   1.00 0.39 ? 20 DC B H6     1 
ATOM   670 P P      . DC B 2 10 ? 2.416   10.611  10.449  1.00 0.85 ? 21 DC B P      1 
ATOM   671 O OP1    . DC B 2 10 ? 3.828   10.670  10.863  1.00 0.98 ? 21 DC B OP1    1 
ATOM   672 O OP2    . DC B 2 10 ? 1.362   11.037  11.381  1.00 0.84 ? 21 DC B OP2    1 
ATOM   673 O "O5'"  . DC B 2 10 ? 2.252   11.448  9.087   1.00 0.84 ? 21 DC B "O5'"  1 
ATOM   674 C "C5'"  . DC B 2 10 ? 3.192   11.303  8.035   1.00 0.91 ? 21 DC B "C5'"  1 
ATOM   675 C "C4'"  . DC B 2 10 ? 3.210   12.514  7.121   1.00 0.99 ? 21 DC B "C4'"  1 
ATOM   676 O "O4'"  . DC B 2 10 ? 2.084   12.502  6.225   1.00 0.88 ? 21 DC B "O4'"  1 
ATOM   677 C "C3'"  . DC B 2 10 ? 3.141   13.780  7.927   1.00 1.08 ? 21 DC B "C3'"  1 
ATOM   678 O "O3'"  . DC B 2 10 ? 4.085   14.734  7.463   1.00 1.25 ? 21 DC B "O3'"  1 
ATOM   679 C "C2'"  . DC B 2 10 ? 1.743   14.270  7.736   1.00 0.99 ? 21 DC B "C2'"  1 
ATOM   680 C "C1'"  . DC B 2 10 ? 1.243   13.630  6.470   1.00 0.87 ? 21 DC B "C1'"  1 
ATOM   681 N N1     . DC B 2 10 ? -0.154  13.229  6.604   1.00 0.71 ? 21 DC B N1     1 
ATOM   682 C C2     . DC B 2 10 ? -1.038  13.575  5.595   1.00 0.66 ? 21 DC B C2     1 
ATOM   683 O O2     . DC B 2 10 ? -0.649  14.171  4.602   1.00 0.75 ? 21 DC B O2     1 
ATOM   684 N N3     . DC B 2 10 ? -2.337  13.239  5.741   1.00 0.54 ? 21 DC B N3     1 
ATOM   685 C C4     . DC B 2 10 ? -2.749  12.597  6.830   1.00 0.50 ? 21 DC B C4     1 
ATOM   686 N N4     . DC B 2 10 ? -4.029  12.285  6.948   1.00 0.45 ? 21 DC B N4     1 
ATOM   687 C C5     . DC B 2 10 ? -1.835  12.245  7.866   1.00 0.56 ? 21 DC B C5     1 
ATOM   688 C C6     . DC B 2 10 ? -0.559  12.572  7.708   1.00 0.65 ? 21 DC B C6     1 
ATOM   689 H "H5'"  . DC B 2 10 ? 2.926   10.438  7.455   1.00 0.85 ? 21 DC B "H5'"  1 
ATOM   690 H "H5''" . DC B 2 10 ? 4.178   11.159  8.461   1.00 1.00 ? 21 DC B "H5''" 1 
ATOM   691 H "H4'"  . DC B 2 10 ? 4.123   12.508  6.546   1.00 1.09 ? 21 DC B "H4'"  1 
ATOM   692 H "H3'"  . DC B 2 10 ? 3.320   13.555  8.974   1.00 1.10 ? 21 DC B "H3'"  1 
ATOM   693 H "H2'"  . DC B 2 10 ? 1.138   13.949  8.577   1.00 0.94 ? 21 DC B "H2'"  1 
ATOM   694 H "H2''" . DC B 2 10 ? 1.719   15.346  7.643   1.00 1.09 ? 21 DC B "H2''" 1 
ATOM   695 H "H1'"  . DC B 2 10 ? 1.330   14.333  5.654   1.00 0.95 ? 21 DC B "H1'"  1 
ATOM   696 H H41    . DC B 2 10 ? -4.679  12.532  6.219   1.00 0.43 ? 21 DC B H41    1 
ATOM   697 H H42    . DC B 2 10 ? -4.348  11.802  7.767   1.00 0.48 ? 21 DC B H42    1 
ATOM   698 H H5     . DC B 2 10 ? -2.165  11.758  8.766   1.00 0.56 ? 21 DC B H5     1 
ATOM   699 H H6     . DC B 2 10 ? 0.170   12.291  8.463   1.00 0.71 ? 21 DC B H6     1 
ATOM   700 P P      . DG B 2 11 ? 4.050   16.233  7.991   1.00 1.41 ? 22 DG B P      1 
ATOM   701 O OP1    . DG B 2 11 ? 5.215   16.939  7.450   1.00 1.58 ? 22 DG B OP1    1 
ATOM   702 O OP2    . DG B 2 11 ? 3.828   16.199  9.436   1.00 1.42 ? 22 DG B OP2    1 
ATOM   703 O "O5'"  . DG B 2 11 ? 2.729   16.815  7.290   1.00 1.38 ? 22 DG B "O5'"  1 
ATOM   704 C "C5'"  . DG B 2 11 ? 2.762   17.262  5.965   1.00 1.50 ? 22 DG B "C5'"  1 
ATOM   705 C "C4'"  . DG B 2 11 ? 1.485   17.976  5.553   1.00 1.51 ? 22 DG B "C4'"  1 
ATOM   706 O "O4'"  . DG B 2 11 ? 0.392   17.096  5.350   1.00 1.29 ? 22 DG B "O4'"  1 
ATOM   707 C "C3'"  . DG B 2 11 ? 1.052   18.948  6.580   1.00 1.63 ? 22 DG B "C3'"  1 
ATOM   708 O "O3'"  . DG B 2 11 ? 1.537   20.232  6.307   1.00 1.90 ? 22 DG B "O3'"  1 
ATOM   709 C "C2'"  . DG B 2 11 ? -0.444  18.908  6.533   1.00 1.53 ? 22 DG B "C2'"  1 
ATOM   710 C "C1'"  . DG B 2 11 ? -0.820  17.789  5.641   1.00 1.30 ? 22 DG B "C1'"  1 
ATOM   711 N N9     . DG B 2 11 ? -1.807  16.929  6.251   1.00 1.06 ? 22 DG B N9     1 
ATOM   712 C C8     . DG B 2 11 ? -1.695  16.125  7.318   1.00 0.99 ? 22 DG B C8     1 
ATOM   713 N N7     . DG B 2 11 ? -2.727  15.481  7.663   1.00 0.86 ? 22 DG B N7     1 
ATOM   714 C C5     . DG B 2 11 ? -3.655  15.900  6.711   1.00 0.81 ? 22 DG B C5     1 
ATOM   715 C C6     . DG B 2 11 ? -4.999  15.551  6.544   1.00 0.73 ? 22 DG B C6     1 
ATOM   716 O O6     . DG B 2 11 ? -5.650  14.788  7.212   1.00 0.75 ? 22 DG B O6     1 
ATOM   717 N N1     . DG B 2 11 ? -5.578  16.196  5.466   1.00 0.70 ? 22 DG B N1     1 
ATOM   718 C C2     . DG B 2 11 ? -4.947  17.070  4.646   1.00 0.79 ? 22 DG B C2     1 
ATOM   719 N N2     . DG B 2 11 ? -5.672  17.592  3.661   1.00 0.79 ? 22 DG B N2     1 
ATOM   720 N N3     . DG B 2 11 ? -3.683  17.404  4.797   1.00 0.93 ? 22 DG B N3     1 
ATOM   721 C C4     . DG B 2 11 ? -3.098  16.787  5.842   1.00 0.92 ? 22 DG B C4     1 
ATOM   722 H "H5'"  . DG B 2 11 ? 2.908   16.430  5.326   1.00 1.44 ? 22 DG B "H5'"  1 
ATOM   723 H "H5''" . DG B 2 11 ? 3.594   17.927  5.860   1.00 1.69 ? 22 DG B "H5''" 1 
ATOM   724 H "H4'"  . DG B 2 11 ? 1.661   18.503  4.646   1.00 1.67 ? 22 DG B "H4'"  1 
ATOM   725 H "H3'"  . DG B 2 11 ? 1.400   18.619  7.543   1.00 1.59 ? 22 DG B "H3'"  1 
ATOM   726 H "HO3'" . DG B 2 11 ? 1.702   20.517  6.241   1.00 1.98 ? 22 DG B "HO3'" 1 
ATOM   727 H "H2'"  . DG B 2 11 ? -0.826  18.732  7.499   1.00 1.50 ? 22 DG B "H2'"  1 
ATOM   728 H "H2''" . DG B 2 11 ? -0.841  19.820  6.141   1.00 1.70 ? 22 DG B "H2''" 1 
ATOM   729 H "H1'"  . DG B 2 11 ? -1.239  18.190  4.745   1.00 1.38 ? 22 DG B "H1'"  1 
ATOM   730 H H8     . DG B 2 11 ? -0.771  16.028  7.867   1.00 1.08 ? 22 DG B H8     1 
ATOM   731 H H1     . DG B 2 11 ? -6.536  15.991  5.287   1.00 0.68 ? 22 DG B H1     1 
ATOM   732 H H21    . DG B 2 11 ? -6.629  17.342  3.549   1.00 0.71 ? 22 DG B H21    1 
ATOM   733 H H22    . DG B 2 11 ? -5.266  18.240  3.029   1.00 0.90 ? 22 DG B H22    1 
# 
